data_7N6H
#
_entry.id   7N6H
#
_cell.length_a   59.868
_cell.length_b   108.018
_cell.length_c   66.836
_cell.angle_alpha   90.00
_cell.angle_beta   90.14
_cell.angle_gamma   90.00
#
_symmetry.space_group_name_H-M   'P 1 21 1'
#
loop_
_entity.id
_entity.type
_entity.pdbx_description
1 polymer AcXbh30A
2 non-polymer 'CHLORIDE ION'
3 non-polymer 'ACETATE ION'
4 water water
#
_entity_poly.entity_id   1
_entity_poly.type   'polypeptide(L)'
_entity_poly.pdbx_seq_one_letter_code
;MASTVTVDWDTTYQTIDGFGVSEAFHQSNNIARLGETKQNEIYDLLFSTTDGAGFSIFRSILGDGGTWGNADDGPNKTMQ
PAEDVWDWNESNDDQIPMIRAIQSKYGVDQILYTVWSPPAWMKTNGSVVGGSLRTDKYQAYATYLAEHIKNYKSKFGIEI
THIGIQNEPNLETSYSSCRWSPEELRIFMRDYLVPTFDKENITAKVVFAENMSFNEQYAINSLNDPIAVKRVDIVGAHNY
GSSYIPFTTTKSKGKGIWMTEVSDMNGNDTTINDGLRWAKEIHDFMTITEGNAWFYWWGACFKTYNGEGLIQMDLNSKTY
KVAKRLYTIGQFSRFIRPGWQRIEATKNPVSNVYVTAYKDPKTGKFAIVAINNGWSKQSITYTLKGFSPASVTPYTTSST
QNLEKGSDITVNNSSFSFELAPNSITTFVGDTESASLEHHHHHH
;
_entity_poly.pdbx_strand_id   A,B
#
# COMPACT_ATOMS: atom_id res chain seq x y z
N ALA A 2 -42.10 -24.08 -3.54
CA ALA A 2 -42.65 -25.00 -4.52
C ALA A 2 -42.27 -24.56 -5.94
N SER A 3 -40.97 -24.50 -6.21
CA SER A 3 -40.44 -24.12 -7.50
C SER A 3 -39.66 -25.29 -8.12
N THR A 4 -39.58 -25.29 -9.44
CA THR A 4 -38.98 -26.38 -10.19
C THR A 4 -37.80 -25.88 -11.01
N VAL A 5 -36.71 -26.63 -10.99
CA VAL A 5 -35.53 -26.38 -11.80
C VAL A 5 -35.34 -27.57 -12.74
N THR A 6 -35.16 -27.28 -14.02
CA THR A 6 -34.95 -28.29 -15.04
C THR A 6 -33.50 -28.21 -15.51
N VAL A 7 -32.74 -29.29 -15.31
CA VAL A 7 -31.35 -29.37 -15.73
C VAL A 7 -31.28 -30.27 -16.96
N ASP A 8 -30.88 -29.70 -18.09
CA ASP A 8 -30.78 -30.41 -19.35
C ASP A 8 -29.36 -30.86 -19.58
N TRP A 9 -29.17 -32.14 -19.83
CA TRP A 9 -27.84 -32.71 -20.06
C TRP A 9 -27.32 -32.46 -21.46
N ASP A 10 -28.21 -32.24 -22.43
CA ASP A 10 -27.83 -32.20 -23.84
C ASP A 10 -27.78 -30.79 -24.41
N THR A 11 -28.09 -29.77 -23.62
CA THR A 11 -27.95 -28.36 -24.03
C THR A 11 -26.78 -27.78 -23.25
N THR A 12 -25.65 -27.63 -23.92
CA THR A 12 -24.41 -27.23 -23.29
C THR A 12 -24.02 -25.82 -23.72
N TYR A 13 -23.12 -25.22 -22.93
CA TYR A 13 -22.67 -23.87 -23.20
C TYR A 13 -21.15 -23.77 -23.20
N GLN A 14 -20.59 -22.83 -22.45
CA GLN A 14 -19.16 -22.58 -22.51
C GLN A 14 -18.39 -23.59 -21.67
N THR A 15 -17.10 -23.72 -22.00
CA THR A 15 -16.19 -24.58 -21.27
C THR A 15 -15.55 -23.78 -20.15
N ILE A 16 -15.49 -24.37 -18.95
CA ILE A 16 -14.94 -23.70 -17.78
C ILE A 16 -13.45 -23.99 -17.71
N ASP A 17 -12.64 -22.94 -17.74
CA ASP A 17 -11.20 -23.10 -17.63
C ASP A 17 -10.74 -23.30 -16.19
N GLY A 18 -11.51 -22.80 -15.22
CA GLY A 18 -11.21 -23.01 -13.82
C GLY A 18 -11.40 -21.73 -13.04
N PHE A 19 -10.97 -21.78 -11.77
CA PHE A 19 -11.03 -20.64 -10.86
C PHE A 19 -9.68 -20.48 -10.20
N GLY A 20 -9.41 -19.26 -9.74
CA GLY A 20 -8.11 -19.02 -9.11
C GLY A 20 -8.10 -17.76 -8.28
N VAL A 21 -6.98 -17.56 -7.58
CA VAL A 21 -6.69 -16.35 -6.83
C VAL A 21 -5.24 -15.98 -7.10
N SER A 22 -4.78 -14.92 -6.42
CA SER A 22 -3.42 -14.43 -6.61
C SER A 22 -2.73 -14.27 -5.26
N GLU A 23 -1.39 -14.25 -5.32
CA GLU A 23 -0.55 -14.01 -4.16
C GLU A 23 0.52 -12.98 -4.47
N ALA A 24 0.21 -12.04 -5.37
CA ALA A 24 1.17 -11.03 -5.78
C ALA A 24 1.42 -10.02 -4.65
N PHE A 25 2.46 -9.21 -4.84
CA PHE A 25 2.82 -8.15 -3.90
C PHE A 25 3.16 -8.70 -2.52
N HIS A 26 4.09 -9.65 -2.49
CA HIS A 26 4.68 -10.24 -1.29
C HIS A 26 3.70 -11.07 -0.46
N GLN A 27 2.45 -11.25 -0.91
CA GLN A 27 1.50 -12.02 -0.12
C GLN A 27 1.83 -13.51 -0.10
N SER A 28 2.58 -14.00 -1.07
CA SER A 28 3.05 -15.39 -1.01
C SER A 28 4.07 -15.57 0.09
N ASN A 29 4.91 -14.56 0.33
CA ASN A 29 5.87 -14.62 1.43
C ASN A 29 5.22 -14.38 2.78
N ASN A 30 4.11 -13.61 2.80
CA ASN A 30 3.40 -13.41 4.06
C ASN A 30 2.75 -14.70 4.56
N ILE A 31 2.40 -15.61 3.65
CA ILE A 31 1.90 -16.92 4.06
C ILE A 31 3.00 -17.73 4.73
N ALA A 32 4.21 -17.69 4.18
CA ALA A 32 5.32 -18.42 4.77
C ALA A 32 5.74 -17.83 6.11
N ARG A 33 5.49 -16.53 6.32
CA ARG A 33 5.85 -15.90 7.58
C ARG A 33 4.97 -16.34 8.75
N LEU A 34 3.89 -17.06 8.49
CA LEU A 34 3.03 -17.58 9.55
C LEU A 34 3.50 -18.91 10.10
N GLY A 35 4.59 -19.46 9.57
CA GLY A 35 5.08 -20.76 9.97
C GLY A 35 4.68 -21.84 8.97
N GLU A 36 5.39 -22.97 9.05
N GLU A 36 5.40 -22.96 9.03
CA GLU A 36 5.15 -24.07 8.12
CA GLU A 36 5.13 -24.06 8.09
C GLU A 36 3.79 -24.71 8.33
C GLU A 36 3.75 -24.66 8.32
N THR A 37 3.32 -24.77 9.58
CA THR A 37 2.04 -25.40 9.86
C THR A 37 0.88 -24.58 9.28
N LYS A 38 0.83 -23.29 9.58
CA LYS A 38 -0.24 -22.45 9.06
C LYS A 38 -0.10 -22.23 7.56
N GLN A 39 1.12 -22.31 7.03
CA GLN A 39 1.31 -22.18 5.58
C GLN A 39 0.66 -23.34 4.85
N ASN A 40 0.84 -24.57 5.34
CA ASN A 40 0.20 -25.72 4.71
C ASN A 40 -1.31 -25.71 4.90
N GLU A 41 -1.79 -25.13 6.00
CA GLU A 41 -3.23 -25.00 6.19
C GLU A 41 -3.82 -24.02 5.18
N ILE A 42 -3.11 -22.93 4.89
CA ILE A 42 -3.59 -21.96 3.91
C ILE A 42 -3.52 -22.53 2.50
N TYR A 43 -2.43 -23.24 2.18
CA TYR A 43 -2.36 -23.94 0.91
C TYR A 43 -3.50 -24.93 0.77
N ASP A 44 -3.87 -25.60 1.86
CA ASP A 44 -4.92 -26.61 1.81
C ASP A 44 -6.30 -25.97 1.68
N LEU A 45 -6.52 -24.83 2.33
CA LEU A 45 -7.81 -24.16 2.24
C LEU A 45 -8.05 -23.60 0.85
N LEU A 46 -6.99 -23.32 0.09
CA LEU A 46 -7.13 -22.68 -1.22
C LEU A 46 -7.15 -23.67 -2.37
N PHE A 47 -6.37 -24.74 -2.29
CA PHE A 47 -6.13 -25.60 -3.44
C PHE A 47 -6.60 -27.05 -3.29
N SER A 48 -6.90 -27.51 -2.07
CA SER A 48 -7.34 -28.88 -1.90
C SER A 48 -8.75 -29.05 -2.42
N THR A 49 -8.98 -30.13 -3.19
CA THR A 49 -10.28 -30.44 -3.73
C THR A 49 -11.12 -31.31 -2.79
N THR A 50 -10.61 -31.63 -1.61
CA THR A 50 -11.32 -32.45 -0.65
C THR A 50 -11.75 -31.70 0.60
N ASP A 51 -10.97 -30.71 1.05
CA ASP A 51 -11.33 -29.91 2.22
C ASP A 51 -10.96 -28.43 2.03
N GLY A 52 -10.92 -27.97 0.78
CA GLY A 52 -10.60 -26.59 0.49
C GLY A 52 -11.41 -26.05 -0.67
N ALA A 53 -11.04 -24.87 -1.16
CA ALA A 53 -11.75 -24.27 -2.29
C ALA A 53 -11.39 -24.91 -3.61
N GLY A 54 -10.24 -25.57 -3.70
CA GLY A 54 -9.86 -26.27 -4.92
C GLY A 54 -9.63 -25.36 -6.11
N PHE A 55 -8.97 -24.22 -5.92
CA PHE A 55 -8.67 -23.34 -7.03
C PHE A 55 -7.70 -24.00 -7.98
N SER A 56 -7.99 -23.93 -9.28
CA SER A 56 -7.21 -24.61 -10.30
C SER A 56 -6.29 -23.70 -11.10
N ILE A 57 -6.33 -22.39 -10.87
CA ILE A 57 -5.45 -21.45 -11.54
C ILE A 57 -4.75 -20.61 -10.49
N PHE A 58 -3.52 -20.20 -10.79
CA PHE A 58 -2.73 -19.37 -9.88
C PHE A 58 -2.24 -18.15 -10.64
N ARG A 59 -2.57 -16.97 -10.13
CA ARG A 59 -2.20 -15.71 -10.76
C ARG A 59 -1.04 -15.08 -9.98
N SER A 60 0.00 -14.69 -10.69
CA SER A 60 1.18 -14.08 -10.10
C SER A 60 1.54 -12.81 -10.86
N ILE A 61 2.45 -12.04 -10.29
CA ILE A 61 2.94 -10.81 -10.89
C ILE A 61 4.29 -11.08 -11.53
N LEU A 62 4.47 -10.55 -12.73
CA LEU A 62 5.79 -10.55 -13.37
C LEU A 62 6.60 -9.40 -12.78
N GLY A 63 7.73 -9.74 -12.17
CA GLY A 63 8.59 -8.75 -11.54
C GLY A 63 8.94 -7.58 -12.43
N ASP A 64 8.78 -6.36 -11.91
CA ASP A 64 9.09 -5.16 -12.65
C ASP A 64 10.27 -4.37 -12.09
N GLY A 65 10.79 -4.77 -10.94
CA GLY A 65 11.92 -4.08 -10.36
C GLY A 65 11.59 -2.74 -9.73
N GLY A 66 10.35 -2.56 -9.26
CA GLY A 66 9.97 -1.31 -8.66
C GLY A 66 10.56 -1.13 -7.28
N THR A 67 10.58 0.12 -6.83
CA THR A 67 11.12 0.49 -5.52
C THR A 67 10.06 1.04 -4.58
N TRP A 68 8.79 0.95 -4.94
CA TRP A 68 7.71 1.45 -4.10
C TRP A 68 7.36 0.43 -3.03
N GLY A 69 6.38 0.75 -2.20
CA GLY A 69 5.91 -0.13 -1.16
C GLY A 69 6.98 -0.49 -0.13
N ASN A 70 6.78 -1.66 0.46
CA ASN A 70 7.69 -2.17 1.48
C ASN A 70 7.75 -3.69 1.35
N ALA A 71 8.29 -4.36 2.37
CA ALA A 71 8.43 -5.81 2.35
C ALA A 71 7.11 -6.54 2.58
N ASP A 72 6.13 -5.88 3.21
CA ASP A 72 4.84 -6.51 3.44
C ASP A 72 3.93 -6.39 2.23
N ASP A 73 4.10 -5.33 1.43
CA ASP A 73 3.26 -5.09 0.25
C ASP A 73 4.09 -4.24 -0.71
N GLY A 74 4.80 -4.92 -1.61
CA GLY A 74 5.66 -4.25 -2.56
C GLY A 74 5.95 -5.08 -3.79
N PRO A 75 6.69 -4.50 -4.73
CA PRO A 75 7.00 -5.21 -5.98
C PRO A 75 8.21 -6.11 -5.81
N ASN A 76 8.43 -6.95 -6.83
CA ASN A 76 9.56 -7.86 -6.89
C ASN A 76 10.57 -7.37 -7.91
N LYS A 77 11.80 -7.86 -7.77
CA LYS A 77 12.83 -7.55 -8.74
C LYS A 77 12.50 -8.18 -10.09
N THR A 78 12.89 -7.50 -11.15
CA THR A 78 12.65 -7.97 -12.49
C THR A 78 13.84 -8.79 -13.01
N MET A 79 13.54 -9.72 -13.93
CA MET A 79 14.59 -10.54 -14.51
C MET A 79 15.42 -9.81 -15.54
N GLN A 80 14.98 -8.63 -15.98
CA GLN A 80 15.75 -7.80 -16.92
C GLN A 80 15.82 -6.39 -16.33
N PRO A 81 16.73 -6.17 -15.37
CA PRO A 81 16.83 -4.83 -14.76
C PRO A 81 17.31 -3.75 -15.71
N ALA A 82 18.05 -4.10 -16.75
CA ALA A 82 18.50 -3.14 -17.74
C ALA A 82 18.29 -3.73 -19.13
N GLU A 83 18.30 -2.86 -20.14
CA GLU A 83 18.07 -3.32 -21.51
C GLU A 83 19.15 -4.29 -21.96
N ASP A 84 20.35 -4.20 -21.39
CA ASP A 84 21.45 -5.07 -21.76
C ASP A 84 21.84 -6.05 -20.66
N VAL A 85 20.98 -6.25 -19.67
CA VAL A 85 21.29 -7.12 -18.53
C VAL A 85 20.08 -7.99 -18.24
N TRP A 86 20.26 -9.31 -18.29
CA TRP A 86 19.27 -10.26 -17.83
C TRP A 86 19.75 -10.90 -16.54
N ASP A 87 18.85 -11.04 -15.57
CA ASP A 87 19.18 -11.56 -14.24
C ASP A 87 18.18 -12.67 -13.91
N TRP A 88 18.48 -13.90 -14.34
CA TRP A 88 17.60 -15.04 -14.07
C TRP A 88 17.92 -15.63 -12.69
N ASN A 89 17.56 -14.84 -11.68
CA ASN A 89 17.71 -15.24 -10.28
C ASN A 89 16.31 -15.55 -9.75
N GLU A 90 16.07 -16.81 -9.41
CA GLU A 90 14.75 -17.22 -8.95
C GLU A 90 14.35 -16.55 -7.64
N SER A 91 15.32 -16.01 -6.90
CA SER A 91 15.00 -15.29 -5.66
C SER A 91 14.31 -13.96 -5.94
N ASN A 92 14.38 -13.45 -7.17
CA ASN A 92 13.67 -12.22 -7.51
C ASN A 92 12.17 -12.41 -7.43
N ASP A 93 11.68 -13.61 -7.75
CA ASP A 93 10.25 -13.91 -7.72
C ASP A 93 9.97 -14.67 -6.43
N ASP A 94 9.33 -14.00 -5.47
CA ASP A 94 8.98 -14.62 -4.20
C ASP A 94 7.75 -15.52 -4.29
N GLN A 95 7.19 -15.71 -5.49
CA GLN A 95 6.07 -16.60 -5.70
C GLN A 95 6.48 -17.96 -6.23
N ILE A 96 7.75 -18.13 -6.62
CA ILE A 96 8.20 -19.41 -7.15
C ILE A 96 8.09 -20.56 -6.14
N PRO A 97 8.56 -20.41 -4.89
CA PRO A 97 8.41 -21.54 -3.94
C PRO A 97 6.97 -21.97 -3.71
N MET A 98 6.02 -21.03 -3.71
CA MET A 98 4.63 -21.40 -3.53
C MET A 98 4.08 -22.12 -4.77
N ILE A 99 4.52 -21.71 -5.96
CA ILE A 99 4.06 -22.36 -7.18
C ILE A 99 4.54 -23.82 -7.22
N ARG A 100 5.82 -24.04 -6.91
CA ARG A 100 6.35 -25.40 -6.89
C ARG A 100 5.64 -26.28 -5.86
N ALA A 101 5.22 -25.68 -4.74
CA ALA A 101 4.56 -26.47 -3.71
C ALA A 101 3.13 -26.83 -4.10
N ILE A 102 2.39 -25.88 -4.68
CA ILE A 102 1.00 -26.15 -5.03
C ILE A 102 0.89 -26.99 -6.31
N GLN A 103 1.87 -26.88 -7.22
CA GLN A 103 1.85 -27.72 -8.40
C GLN A 103 2.15 -29.17 -8.06
N SER A 104 3.01 -29.42 -7.07
CA SER A 104 3.35 -30.78 -6.70
C SER A 104 2.29 -31.41 -5.82
N LYS A 105 1.81 -30.67 -4.80
CA LYS A 105 0.90 -31.25 -3.83
C LYS A 105 -0.54 -31.30 -4.33
N TYR A 106 -0.96 -30.34 -5.15
CA TYR A 106 -2.35 -30.24 -5.57
C TYR A 106 -2.56 -30.32 -7.08
N GLY A 107 -1.49 -30.34 -7.87
CA GLY A 107 -1.62 -30.49 -9.30
C GLY A 107 -2.20 -29.29 -10.02
N VAL A 108 -2.12 -28.10 -9.43
CA VAL A 108 -2.57 -26.88 -10.09
C VAL A 108 -1.64 -26.62 -11.28
N ASP A 109 -2.13 -26.87 -12.49
CA ASP A 109 -1.30 -26.84 -13.68
C ASP A 109 -1.63 -25.68 -14.62
N GLN A 110 -2.24 -24.61 -14.11
CA GLN A 110 -2.51 -23.41 -14.89
C GLN A 110 -1.84 -22.23 -14.18
N ILE A 111 -0.79 -21.70 -14.80
CA ILE A 111 0.01 -20.62 -14.23
C ILE A 111 -0.17 -19.38 -15.09
N LEU A 112 -0.68 -18.31 -14.50
CA LEU A 112 -0.87 -17.04 -15.17
C LEU A 112 -0.02 -15.98 -14.49
N TYR A 113 0.78 -15.26 -15.28
CA TYR A 113 1.59 -14.15 -14.80
C TYR A 113 1.10 -12.88 -15.47
N THR A 114 0.60 -11.94 -14.66
CA THR A 114 0.09 -10.67 -15.16
C THR A 114 1.15 -9.60 -14.92
N VAL A 115 1.41 -8.79 -15.94
CA VAL A 115 2.38 -7.71 -15.86
C VAL A 115 1.65 -6.45 -15.37
N TRP A 116 1.95 -6.02 -14.15
CA TRP A 116 1.41 -4.76 -13.66
C TRP A 116 2.06 -3.57 -14.36
N SER A 117 3.34 -3.68 -14.72
CA SER A 117 4.06 -2.62 -15.41
C SER A 117 5.36 -3.15 -15.99
N PRO A 118 5.74 -2.69 -17.18
CA PRO A 118 7.07 -3.03 -17.71
C PRO A 118 8.15 -2.39 -16.85
N PRO A 119 9.41 -2.79 -17.03
CA PRO A 119 10.49 -2.18 -16.24
C PRO A 119 10.57 -0.68 -16.45
N ALA A 120 11.23 -0.01 -15.49
CA ALA A 120 11.29 1.45 -15.53
C ALA A 120 12.03 1.96 -16.75
N TRP A 121 13.00 1.20 -17.26
CA TRP A 121 13.75 1.64 -18.43
C TRP A 121 12.94 1.53 -19.72
N MET A 122 11.75 0.95 -19.68
CA MET A 122 10.85 0.91 -20.82
C MET A 122 9.77 1.98 -20.76
N LYS A 123 9.58 2.62 -19.61
CA LYS A 123 8.44 3.49 -19.39
C LYS A 123 8.75 4.93 -19.82
N THR A 124 7.69 5.66 -20.15
CA THR A 124 7.83 7.05 -20.59
C THR A 124 8.25 7.98 -19.45
N ASN A 125 7.96 7.61 -18.20
CA ASN A 125 8.32 8.41 -17.05
C ASN A 125 9.51 7.85 -16.28
N GLY A 126 10.12 6.78 -16.77
CA GLY A 126 11.26 6.19 -16.09
C GLY A 126 10.92 5.54 -14.76
N SER A 127 9.68 5.09 -14.59
CA SER A 127 9.26 4.48 -13.33
C SER A 127 8.16 3.48 -13.61
N VAL A 128 8.09 2.45 -12.76
CA VAL A 128 7.02 1.45 -12.86
C VAL A 128 5.69 1.97 -12.34
N VAL A 129 5.68 3.13 -11.69
CA VAL A 129 4.47 3.71 -11.12
C VAL A 129 3.94 4.72 -12.11
N GLY A 130 2.78 4.44 -12.69
CA GLY A 130 2.18 5.33 -13.67
C GLY A 130 2.94 5.33 -14.99
N GLY A 131 2.53 6.23 -15.86
CA GLY A 131 3.16 6.36 -17.16
C GLY A 131 2.65 5.34 -18.15
N SER A 132 3.36 5.25 -19.27
CA SER A 132 3.02 4.33 -20.35
C SER A 132 4.30 3.70 -20.89
N LEU A 133 4.12 2.75 -21.80
CA LEU A 133 5.25 2.09 -22.45
C LEU A 133 5.74 2.95 -23.59
N ARG A 134 7.06 3.17 -23.65
CA ARG A 134 7.65 3.94 -24.73
C ARG A 134 7.44 3.21 -26.07
N THR A 135 7.10 3.99 -27.10
CA THR A 135 6.85 3.39 -28.41
C THR A 135 8.11 2.77 -29.01
N ASP A 136 9.29 3.29 -28.66
CA ASP A 136 10.54 2.69 -29.08
C ASP A 136 10.93 1.48 -28.22
N LYS A 137 10.07 1.08 -27.30
CA LYS A 137 10.31 -0.08 -26.44
C LYS A 137 9.26 -1.18 -26.63
N TYR A 138 8.46 -1.10 -27.70
CA TYR A 138 7.45 -2.13 -27.94
C TYR A 138 8.11 -3.48 -28.22
N GLN A 139 9.14 -3.49 -29.06
CA GLN A 139 9.85 -4.73 -29.33
C GLN A 139 10.61 -5.22 -28.11
N ALA A 140 11.14 -4.30 -27.29
CA ALA A 140 11.82 -4.71 -26.07
C ALA A 140 10.85 -5.39 -25.10
N TYR A 141 9.62 -4.89 -25.02
CA TYR A 141 8.63 -5.50 -24.14
C TYR A 141 8.07 -6.80 -24.72
N ALA A 142 8.03 -6.93 -26.04
CA ALA A 142 7.60 -8.18 -26.66
C ALA A 142 8.61 -9.29 -26.39
N THR A 143 9.90 -9.00 -26.59
CA THR A 143 10.94 -9.94 -26.21
C THR A 143 10.95 -10.15 -24.69
N TYR A 144 10.64 -9.12 -23.92
CA TYR A 144 10.58 -9.24 -22.47
C TYR A 144 9.55 -10.29 -22.04
N LEU A 145 8.41 -10.34 -22.74
CA LEU A 145 7.38 -11.32 -22.41
C LEU A 145 7.75 -12.71 -22.89
N ALA A 146 8.32 -12.81 -24.10
CA ALA A 146 8.66 -14.13 -24.65
C ALA A 146 9.83 -14.76 -23.91
N GLU A 147 10.83 -13.96 -23.53
CA GLU A 147 11.99 -14.53 -22.85
C GLU A 147 11.63 -15.01 -21.45
N HIS A 148 10.60 -14.39 -20.86
CA HIS A 148 10.16 -14.79 -19.53
C HIS A 148 9.44 -16.13 -19.56
N ILE A 149 8.64 -16.37 -20.59
CA ILE A 149 7.93 -17.65 -20.71
C ILE A 149 8.92 -18.79 -20.97
N LYS A 150 9.93 -18.53 -21.80
CA LYS A 150 10.91 -19.58 -22.13
C LYS A 150 11.82 -19.87 -20.95
N ASN A 151 12.34 -18.83 -20.29
CA ASN A 151 13.35 -19.05 -19.25
C ASN A 151 12.75 -19.50 -17.93
N TYR A 152 11.50 -19.13 -17.64
CA TYR A 152 10.84 -19.68 -16.47
C TYR A 152 10.71 -21.19 -16.55
N LYS A 153 10.73 -21.75 -17.76
CA LYS A 153 10.73 -23.19 -17.97
C LYS A 153 12.15 -23.75 -18.08
N SER A 154 13.04 -23.07 -18.80
CA SER A 154 14.38 -23.58 -19.03
C SER A 154 15.30 -23.34 -17.83
N LYS A 155 15.06 -22.28 -17.05
CA LYS A 155 15.88 -21.98 -15.88
C LYS A 155 15.22 -22.43 -14.59
N PHE A 156 13.93 -22.12 -14.41
CA PHE A 156 13.24 -22.38 -13.14
C PHE A 156 12.35 -23.61 -13.20
N GLY A 157 12.06 -24.14 -14.38
CA GLY A 157 11.22 -25.31 -14.48
C GLY A 157 9.74 -25.05 -14.27
N ILE A 158 9.30 -23.81 -14.41
CA ILE A 158 7.90 -23.44 -14.24
C ILE A 158 7.31 -23.16 -15.62
N GLU A 159 6.23 -23.86 -15.96
CA GLU A 159 5.57 -23.69 -17.24
C GLU A 159 4.51 -22.60 -17.09
N ILE A 160 4.73 -21.47 -17.76
CA ILE A 160 3.77 -20.38 -17.77
C ILE A 160 2.75 -20.66 -18.87
N THR A 161 1.53 -21.00 -18.47
CA THR A 161 0.48 -21.34 -19.43
C THR A 161 -0.29 -20.13 -19.92
N HIS A 162 -0.33 -19.05 -19.16
CA HIS A 162 -1.04 -17.84 -19.54
C HIS A 162 -0.20 -16.62 -19.19
N ILE A 163 -0.23 -15.62 -20.06
CA ILE A 163 0.52 -14.39 -19.85
C ILE A 163 -0.43 -13.20 -19.94
N GLY A 164 -0.43 -12.36 -18.91
CA GLY A 164 -1.22 -11.14 -18.91
C GLY A 164 -0.39 -9.95 -19.34
N ILE A 165 -0.71 -9.37 -20.49
CA ILE A 165 0.15 -8.35 -21.07
C ILE A 165 0.12 -7.06 -20.27
N GLN A 166 -0.99 -6.76 -19.61
CA GLN A 166 -1.10 -5.53 -18.84
C GLN A 166 -2.23 -5.64 -17.84
N ASN A 167 -1.98 -5.20 -16.60
CA ASN A 167 -2.98 -5.16 -15.54
C ASN A 167 -3.60 -3.77 -15.52
N GLU A 168 -4.89 -3.68 -15.85
CA GLU A 168 -5.64 -2.44 -15.86
C GLU A 168 -4.94 -1.37 -16.68
N PRO A 169 -4.98 -1.46 -18.02
CA PRO A 169 -4.32 -0.45 -18.86
C PRO A 169 -4.99 0.91 -18.82
N ASN A 170 -6.13 1.04 -18.14
CA ASN A 170 -6.87 2.29 -18.06
C ASN A 170 -6.44 3.14 -16.87
N LEU A 171 -5.66 2.60 -15.95
CA LEU A 171 -5.45 3.23 -14.65
C LEU A 171 -3.96 3.40 -14.38
N GLU A 172 -3.58 4.58 -13.89
CA GLU A 172 -2.27 4.83 -13.33
C GLU A 172 -2.44 4.94 -11.81
N THR A 173 -1.77 4.07 -11.08
CA THR A 173 -1.93 3.97 -9.63
C THR A 173 -0.71 4.52 -8.92
N SER A 174 -0.71 4.42 -7.60
CA SER A 174 0.44 4.74 -6.77
C SER A 174 1.41 3.58 -6.66
N TYR A 175 1.18 2.51 -7.40
CA TYR A 175 2.07 1.36 -7.40
C TYR A 175 2.37 0.98 -8.85
N SER A 176 2.72 -0.28 -9.09
CA SER A 176 3.06 -0.73 -10.43
C SER A 176 1.86 -0.61 -11.36
N SER A 177 1.99 0.23 -12.38
CA SER A 177 0.90 0.45 -13.34
C SER A 177 1.49 1.00 -14.62
N CYS A 178 0.76 0.79 -15.71
CA CYS A 178 1.17 1.27 -17.03
C CYS A 178 -0.09 1.48 -17.87
N ARG A 179 -0.28 2.69 -18.37
CA ARG A 179 -1.49 3.05 -19.11
C ARG A 179 -1.32 2.75 -20.59
N TRP A 180 -2.37 2.20 -21.19
CA TRP A 180 -2.40 1.90 -22.62
C TRP A 180 -3.70 2.42 -23.20
N SER A 181 -3.66 2.74 -24.47
CA SER A 181 -4.88 2.98 -25.21
C SER A 181 -5.20 1.75 -26.06
N PRO A 182 -6.48 1.52 -26.39
CA PRO A 182 -6.81 0.34 -27.20
C PRO A 182 -6.11 0.31 -28.54
N GLU A 183 -5.76 1.47 -29.10
CA GLU A 183 -5.02 1.49 -30.36
C GLU A 183 -3.56 1.08 -30.14
N GLU A 184 -2.94 1.55 -29.05
CA GLU A 184 -1.58 1.16 -28.76
C GLU A 184 -1.46 -0.33 -28.44
N LEU A 185 -2.52 -0.93 -27.91
CA LEU A 185 -2.51 -2.37 -27.67
C LEU A 185 -2.58 -3.15 -28.97
N ARG A 186 -3.35 -2.65 -29.94
CA ARG A 186 -3.42 -3.31 -31.24
C ARG A 186 -2.08 -3.22 -31.98
N ILE A 187 -1.45 -2.04 -31.94
CA ILE A 187 -0.14 -1.88 -32.56
C ILE A 187 0.88 -2.80 -31.90
N PHE A 188 0.80 -2.94 -30.57
CA PHE A 188 1.72 -3.83 -29.87
C PHE A 188 1.48 -5.28 -30.23
N MET A 189 0.20 -5.70 -30.33
CA MET A 189 -0.11 -7.07 -30.67
C MET A 189 0.23 -7.37 -32.12
N ARG A 190 -0.20 -6.50 -33.04
CA ARG A 190 -0.05 -6.77 -34.47
C ARG A 190 1.42 -6.73 -34.89
N ASP A 191 2.13 -5.65 -34.55
CA ASP A 191 3.46 -5.41 -35.07
C ASP A 191 4.57 -5.99 -34.20
N TYR A 192 4.28 -6.44 -32.98
CA TYR A 192 5.34 -6.86 -32.08
C TYR A 192 5.10 -8.22 -31.43
N LEU A 193 4.00 -8.34 -30.68
CA LEU A 193 3.77 -9.57 -29.91
C LEU A 193 3.56 -10.77 -30.82
N VAL A 194 2.66 -10.64 -31.80
CA VAL A 194 2.37 -11.77 -32.69
C VAL A 194 3.60 -12.23 -33.47
N PRO A 195 4.37 -11.37 -34.14
CA PRO A 195 5.58 -11.85 -34.82
C PRO A 195 6.64 -12.38 -33.87
N THR A 196 6.74 -11.84 -32.66
CA THR A 196 7.73 -12.32 -31.71
C THR A 196 7.32 -13.67 -31.13
N PHE A 197 6.07 -13.80 -30.70
CA PHE A 197 5.61 -15.09 -30.16
C PHE A 197 5.63 -16.19 -31.21
N ASP A 198 5.34 -15.83 -32.47
CA ASP A 198 5.45 -16.82 -33.54
C ASP A 198 6.91 -17.22 -33.78
N LYS A 199 7.83 -16.26 -33.70
CA LYS A 199 9.23 -16.55 -33.93
C LYS A 199 9.84 -17.38 -32.81
N GLU A 200 9.35 -17.20 -31.58
CA GLU A 200 9.86 -17.94 -30.44
C GLU A 200 9.06 -19.20 -30.14
N ASN A 201 8.05 -19.50 -30.96
CA ASN A 201 7.20 -20.69 -30.77
C ASN A 201 6.53 -20.70 -29.41
N ILE A 202 5.99 -19.55 -29.00
CA ILE A 202 5.32 -19.44 -27.72
C ILE A 202 3.95 -20.09 -27.81
N THR A 203 3.70 -21.07 -26.94
CA THR A 203 2.41 -21.75 -26.89
C THR A 203 1.55 -21.31 -25.73
N ALA A 204 2.03 -20.39 -24.90
CA ALA A 204 1.23 -19.87 -23.80
C ALA A 204 0.13 -18.96 -24.34
N LYS A 205 -1.05 -19.07 -23.76
CA LYS A 205 -2.19 -18.25 -24.20
C LYS A 205 -2.10 -16.86 -23.58
N VAL A 206 -2.50 -15.86 -24.37
CA VAL A 206 -2.40 -14.46 -23.96
C VAL A 206 -3.72 -14.05 -23.31
N VAL A 207 -3.66 -13.63 -22.06
CA VAL A 207 -4.78 -12.97 -21.40
C VAL A 207 -4.67 -11.49 -21.70
N PHE A 208 -5.55 -10.99 -22.57
CA PHE A 208 -5.46 -9.62 -23.05
C PHE A 208 -5.56 -8.64 -21.87
N ALA A 209 -5.11 -7.41 -22.11
CA ALA A 209 -5.07 -6.33 -21.13
C ALA A 209 -6.33 -6.31 -20.26
N GLU A 210 -6.17 -6.68 -18.99
CA GLU A 210 -7.30 -6.88 -18.08
C GLU A 210 -7.85 -5.52 -17.67
N ASN A 211 -8.91 -5.09 -18.35
CA ASN A 211 -9.54 -3.82 -18.04
C ASN A 211 -10.06 -3.81 -16.60
N MET A 212 -9.96 -2.64 -15.96
CA MET A 212 -10.47 -2.51 -14.60
C MET A 212 -11.98 -2.73 -14.57
N SER A 213 -12.71 -2.04 -15.43
CA SER A 213 -14.13 -2.30 -15.60
C SER A 213 -14.31 -3.54 -16.48
N PHE A 214 -15.44 -4.22 -16.30
CA PHE A 214 -15.69 -5.45 -17.04
C PHE A 214 -16.35 -5.12 -18.37
N ASN A 215 -15.52 -4.88 -19.37
CA ASN A 215 -15.98 -4.72 -20.76
C ASN A 215 -14.84 -5.12 -21.69
N GLU A 216 -15.19 -5.33 -22.96
CA GLU A 216 -14.23 -5.71 -23.98
C GLU A 216 -13.72 -4.53 -24.79
N GLN A 217 -13.96 -3.31 -24.32
CA GLN A 217 -13.64 -2.12 -25.11
C GLN A 217 -12.16 -2.04 -25.45
N TYR A 218 -11.28 -2.49 -24.56
CA TYR A 218 -9.85 -2.44 -24.83
C TYR A 218 -9.39 -3.51 -25.81
N ALA A 219 -10.20 -4.53 -26.05
CA ALA A 219 -9.82 -5.62 -26.94
C ALA A 219 -10.50 -5.56 -28.30
N ILE A 220 -11.45 -4.64 -28.50
CA ILE A 220 -12.21 -4.61 -29.75
C ILE A 220 -11.29 -4.34 -30.94
N ASN A 221 -10.34 -3.41 -30.78
CA ASN A 221 -9.43 -3.09 -31.87
C ASN A 221 -8.55 -4.28 -32.24
N SER A 222 -8.04 -5.00 -31.24
CA SER A 222 -7.20 -6.16 -31.53
C SER A 222 -8.01 -7.32 -32.07
N LEU A 223 -9.26 -7.47 -31.61
CA LEU A 223 -10.10 -8.56 -32.10
C LEU A 223 -10.48 -8.37 -33.56
N ASN A 224 -10.64 -7.12 -34.01
CA ASN A 224 -10.99 -6.84 -35.39
C ASN A 224 -9.77 -6.73 -36.30
N ASP A 225 -8.56 -6.84 -35.75
CA ASP A 225 -7.35 -6.83 -36.56
C ASP A 225 -7.01 -8.26 -37.00
N PRO A 226 -6.80 -8.50 -38.29
CA PRO A 226 -6.59 -9.89 -38.75
C PRO A 226 -5.34 -10.54 -38.18
N ILE A 227 -4.31 -9.76 -37.86
CA ILE A 227 -3.07 -10.33 -37.33
C ILE A 227 -3.10 -10.38 -35.81
N ALA A 228 -3.60 -9.33 -35.16
CA ALA A 228 -3.60 -9.29 -33.70
C ALA A 228 -4.55 -10.34 -33.12
N VAL A 229 -5.65 -10.63 -33.80
CA VAL A 229 -6.65 -11.56 -33.28
C VAL A 229 -6.10 -12.98 -33.12
N LYS A 230 -5.01 -13.30 -33.83
CA LYS A 230 -4.46 -14.65 -33.76
C LYS A 230 -3.98 -15.01 -32.35
N ARG A 231 -3.58 -14.02 -31.56
CA ARG A 231 -3.11 -14.26 -30.20
C ARG A 231 -3.87 -13.47 -29.16
N VAL A 232 -5.11 -13.08 -29.44
CA VAL A 232 -6.02 -12.61 -28.40
C VAL A 232 -6.76 -13.84 -27.91
N ASP A 233 -6.02 -14.77 -27.30
CA ASP A 233 -6.60 -16.04 -26.88
C ASP A 233 -7.70 -15.84 -25.85
N ILE A 234 -7.48 -14.96 -24.88
CA ILE A 234 -8.43 -14.72 -23.80
C ILE A 234 -8.50 -13.22 -23.55
N VAL A 235 -9.72 -12.70 -23.47
CA VAL A 235 -9.95 -11.30 -23.14
C VAL A 235 -10.13 -11.20 -21.63
N GLY A 236 -9.13 -10.66 -20.94
CA GLY A 236 -9.20 -10.51 -19.51
C GLY A 236 -9.79 -9.17 -19.09
N ALA A 237 -10.41 -9.18 -17.90
CA ALA A 237 -11.04 -7.98 -17.37
C ALA A 237 -11.33 -8.17 -15.89
N HIS A 238 -11.36 -7.07 -15.16
CA HIS A 238 -11.73 -7.06 -13.76
C HIS A 238 -13.16 -6.53 -13.62
N ASN A 239 -13.68 -6.61 -12.39
CA ASN A 239 -15.05 -6.19 -12.10
C ASN A 239 -15.08 -5.22 -10.93
N TYR A 240 -14.30 -4.15 -11.01
CA TYR A 240 -14.27 -3.13 -9.98
C TYR A 240 -15.18 -1.97 -10.41
N GLY A 241 -16.30 -1.81 -9.71
CA GLY A 241 -17.21 -0.72 -10.02
C GLY A 241 -18.08 -0.95 -11.23
N SER A 242 -18.03 -2.13 -11.84
CA SER A 242 -18.78 -2.45 -13.04
C SER A 242 -19.71 -3.62 -12.77
N SER A 243 -20.40 -4.06 -13.82
CA SER A 243 -21.30 -5.20 -13.77
C SER A 243 -20.94 -6.16 -14.89
N TYR A 244 -21.42 -7.39 -14.77
CA TYR A 244 -21.11 -8.42 -15.75
C TYR A 244 -22.03 -8.26 -16.95
N ILE A 245 -21.45 -8.07 -18.13
CA ILE A 245 -22.20 -7.83 -19.35
C ILE A 245 -21.68 -8.76 -20.44
N PRO A 246 -22.44 -8.96 -21.51
CA PRO A 246 -21.94 -9.79 -22.61
C PRO A 246 -20.78 -9.13 -23.34
N PHE A 247 -19.89 -9.98 -23.85
CA PHE A 247 -18.76 -9.54 -24.68
C PHE A 247 -19.10 -9.96 -26.12
N THR A 248 -19.68 -9.02 -26.87
CA THR A 248 -20.19 -9.34 -28.21
C THR A 248 -19.05 -9.70 -29.16
N THR A 249 -18.07 -8.80 -29.29
CA THR A 249 -16.98 -9.04 -30.24
C THR A 249 -16.12 -10.22 -29.82
N THR A 250 -15.93 -10.42 -28.50
CA THR A 250 -15.13 -11.55 -28.04
C THR A 250 -15.79 -12.88 -28.39
N LYS A 251 -17.11 -12.97 -28.21
CA LYS A 251 -17.82 -14.20 -28.55
C LYS A 251 -17.85 -14.45 -30.05
N SER A 252 -17.91 -13.38 -30.85
CA SER A 252 -17.92 -13.55 -32.30
C SER A 252 -16.61 -14.11 -32.83
N LYS A 253 -15.49 -13.76 -32.18
CA LYS A 253 -14.19 -14.27 -32.59
C LYS A 253 -13.86 -15.62 -31.98
N GLY A 254 -14.74 -16.16 -31.13
CA GLY A 254 -14.50 -17.46 -30.54
C GLY A 254 -13.37 -17.52 -29.55
N LYS A 255 -13.17 -16.45 -28.77
CA LYS A 255 -12.10 -16.39 -27.79
C LYS A 255 -12.66 -16.57 -26.38
N GLY A 256 -11.75 -16.75 -25.42
CA GLY A 256 -12.13 -16.95 -24.04
C GLY A 256 -12.27 -15.64 -23.27
N ILE A 257 -12.98 -15.73 -22.15
CA ILE A 257 -13.22 -14.59 -21.27
C ILE A 257 -12.82 -14.98 -19.87
N TRP A 258 -11.89 -14.23 -19.26
CA TRP A 258 -11.41 -14.47 -17.91
C TRP A 258 -11.63 -13.23 -17.08
N MET A 259 -12.37 -13.38 -15.98
CA MET A 259 -12.49 -12.33 -14.97
C MET A 259 -11.38 -12.58 -13.95
N THR A 260 -10.28 -11.83 -14.08
CA THR A 260 -9.03 -12.17 -13.44
C THR A 260 -8.83 -11.54 -12.06
N GLU A 261 -9.70 -10.62 -11.65
CA GLU A 261 -9.54 -10.02 -10.33
C GLU A 261 -10.81 -9.30 -9.91
N VAL A 262 -11.25 -9.54 -8.68
CA VAL A 262 -12.32 -8.77 -8.06
C VAL A 262 -12.21 -8.98 -6.55
N SER A 263 -12.59 -7.95 -5.80
CA SER A 263 -12.51 -7.99 -4.34
C SER A 263 -13.29 -6.81 -3.78
N ASP A 264 -13.34 -6.72 -2.46
CA ASP A 264 -14.00 -5.63 -1.74
C ASP A 264 -12.92 -4.77 -1.11
N MET A 265 -12.55 -3.69 -1.78
CA MET A 265 -11.57 -2.74 -1.26
C MET A 265 -12.22 -1.63 -0.43
N ASN A 266 -13.55 -1.57 -0.40
CA ASN A 266 -14.27 -0.50 0.30
C ASN A 266 -14.79 -0.92 1.67
N GLY A 267 -15.23 -2.17 1.82
CA GLY A 267 -15.77 -2.67 3.06
C GLY A 267 -14.98 -3.84 3.61
N ASN A 268 -15.44 -4.34 4.77
CA ASN A 268 -14.80 -5.48 5.45
C ASN A 268 -15.92 -6.36 6.01
N ASP A 269 -16.52 -7.16 5.13
CA ASP A 269 -17.57 -8.11 5.51
C ASP A 269 -17.07 -9.51 5.26
N THR A 270 -17.01 -10.33 6.31
CA THR A 270 -16.57 -11.71 6.21
C THR A 270 -17.68 -12.70 6.50
N THR A 271 -18.93 -12.25 6.55
CA THR A 271 -20.06 -13.10 6.87
C THR A 271 -20.61 -13.75 5.61
N ILE A 272 -21.74 -14.45 5.74
CA ILE A 272 -22.35 -15.11 4.60
C ILE A 272 -22.93 -14.11 3.60
N ASN A 273 -23.25 -12.89 4.05
CA ASN A 273 -23.78 -11.88 3.13
C ASN A 273 -22.76 -11.52 2.06
N ASP A 274 -21.51 -11.28 2.47
CA ASP A 274 -20.46 -10.99 1.49
C ASP A 274 -20.13 -12.22 0.66
N GLY A 275 -20.18 -13.41 1.28
CA GLY A 275 -19.89 -14.63 0.53
C GLY A 275 -20.87 -14.88 -0.58
N LEU A 276 -22.16 -14.60 -0.34
CA LEU A 276 -23.16 -14.75 -1.38
C LEU A 276 -23.09 -13.67 -2.44
N ARG A 277 -22.50 -12.51 -2.12
CA ARG A 277 -22.29 -11.49 -3.13
C ARG A 277 -21.35 -11.98 -4.22
N TRP A 278 -20.28 -12.68 -3.83
CA TRP A 278 -19.33 -13.19 -4.81
C TRP A 278 -19.83 -14.45 -5.50
N ALA A 279 -20.65 -15.25 -4.80
CA ALA A 279 -21.31 -16.37 -5.46
C ALA A 279 -22.30 -15.87 -6.51
N LYS A 280 -23.03 -14.81 -6.19
CA LYS A 280 -23.92 -14.18 -7.17
C LYS A 280 -23.12 -13.60 -8.33
N GLU A 281 -21.91 -13.11 -8.06
CA GLU A 281 -21.08 -12.61 -9.16
C GLU A 281 -20.63 -13.74 -10.07
N ILE A 282 -20.37 -14.92 -9.51
CA ILE A 282 -20.04 -16.08 -10.34
C ILE A 282 -21.25 -16.50 -11.17
N HIS A 283 -22.43 -16.53 -10.56
CA HIS A 283 -23.65 -16.88 -11.29
C HIS A 283 -23.90 -15.90 -12.42
N ASP A 284 -23.74 -14.60 -12.16
CA ASP A 284 -23.91 -13.60 -13.22
C ASP A 284 -22.82 -13.73 -14.28
N PHE A 285 -21.61 -14.11 -13.88
CA PHE A 285 -20.51 -14.26 -14.84
C PHE A 285 -20.73 -15.46 -15.75
N MET A 286 -21.43 -16.49 -15.27
CA MET A 286 -21.63 -17.71 -16.04
C MET A 286 -22.85 -17.68 -16.94
N THR A 287 -23.86 -16.87 -16.59
CA THR A 287 -25.14 -16.89 -17.29
C THR A 287 -25.29 -15.79 -18.32
N ILE A 288 -24.81 -14.58 -18.05
CA ILE A 288 -24.99 -13.44 -18.94
C ILE A 288 -23.80 -13.25 -19.87
N THR A 289 -22.59 -13.28 -19.33
CA THR A 289 -21.38 -13.22 -20.15
C THR A 289 -20.97 -14.60 -20.65
N GLU A 290 -21.27 -15.65 -19.88
CA GLU A 290 -20.88 -17.02 -20.22
C GLU A 290 -19.35 -17.15 -20.34
N GLY A 291 -18.65 -16.56 -19.39
CA GLY A 291 -17.20 -16.60 -19.39
C GLY A 291 -16.65 -17.95 -18.99
N ASN A 292 -15.33 -18.04 -19.00
CA ASN A 292 -14.64 -19.32 -18.83
C ASN A 292 -13.87 -19.44 -17.52
N ALA A 293 -13.34 -18.34 -16.98
CA ALA A 293 -12.60 -18.40 -15.73
C ALA A 293 -12.94 -17.19 -14.87
N TRP A 294 -12.94 -17.40 -13.55
CA TRP A 294 -13.33 -16.38 -12.60
C TRP A 294 -12.37 -16.41 -11.43
N PHE A 295 -11.82 -15.24 -11.08
CA PHE A 295 -10.79 -15.13 -10.06
C PHE A 295 -11.21 -14.19 -8.95
N TYR A 296 -10.63 -14.39 -7.78
CA TYR A 296 -10.62 -13.39 -6.72
C TYR A 296 -9.26 -12.72 -6.71
N TRP A 297 -9.15 -11.63 -5.95
CA TRP A 297 -7.88 -10.91 -5.87
C TRP A 297 -6.83 -11.75 -5.16
N TRP A 298 -6.71 -11.61 -3.85
CA TRP A 298 -5.79 -12.41 -3.07
C TRP A 298 -6.50 -13.62 -2.48
N GLY A 299 -5.77 -14.73 -2.39
CA GLY A 299 -6.27 -15.89 -1.67
C GLY A 299 -6.07 -15.72 -0.18
N ALA A 300 -4.88 -15.25 0.19
CA ALA A 300 -4.55 -14.91 1.56
C ALA A 300 -3.68 -13.66 1.54
N CYS A 301 -4.06 -12.65 2.31
CA CYS A 301 -3.33 -11.39 2.35
C CYS A 301 -3.19 -10.94 3.79
N PHE A 302 -2.32 -9.95 4.00
CA PHE A 302 -2.06 -9.40 5.33
C PHE A 302 -3.02 -8.28 5.72
N LYS A 303 -4.01 -7.98 4.88
CA LYS A 303 -4.96 -6.92 5.15
C LYS A 303 -6.16 -7.52 5.89
N THR A 304 -6.29 -7.20 7.17
CA THR A 304 -7.40 -7.65 7.99
C THR A 304 -8.51 -6.61 8.09
N TYR A 305 -8.44 -5.55 7.29
CA TYR A 305 -9.38 -4.44 7.37
C TYR A 305 -10.27 -4.30 6.15
N ASN A 306 -10.10 -5.14 5.13
CA ASN A 306 -10.95 -5.10 3.95
C ASN A 306 -11.08 -6.51 3.40
N GLY A 307 -11.76 -6.62 2.26
CA GLY A 307 -12.00 -7.91 1.64
C GLY A 307 -11.20 -8.14 0.38
N GLU A 308 -9.95 -7.67 0.35
CA GLU A 308 -9.09 -7.92 -0.80
C GLU A 308 -8.61 -9.36 -0.88
N GLY A 309 -8.80 -10.15 0.18
CA GLY A 309 -8.37 -11.54 0.18
C GLY A 309 -9.41 -12.43 0.81
N LEU A 310 -9.36 -13.71 0.43
CA LEU A 310 -10.26 -14.69 1.00
C LEU A 310 -9.86 -15.05 2.43
N ILE A 311 -8.56 -14.99 2.73
CA ILE A 311 -8.05 -15.29 4.06
C ILE A 311 -7.29 -14.07 4.56
N GLN A 312 -7.67 -13.57 5.73
CA GLN A 312 -7.06 -12.40 6.33
C GLN A 312 -5.99 -12.85 7.32
N MET A 313 -4.74 -12.52 7.04
CA MET A 313 -3.61 -12.92 7.87
C MET A 313 -3.14 -11.75 8.72
N ASP A 314 -2.97 -12.00 10.01
CA ASP A 314 -2.42 -11.01 10.94
C ASP A 314 -0.95 -11.34 11.15
N LEU A 315 -0.07 -10.55 10.55
CA LEU A 315 1.37 -10.82 10.65
C LEU A 315 1.92 -10.55 12.04
N ASN A 316 1.23 -9.75 12.85
CA ASN A 316 1.70 -9.46 14.20
C ASN A 316 1.54 -10.70 15.10
N SER A 317 0.34 -11.26 15.15
CA SER A 317 0.07 -12.44 15.96
C SER A 317 0.33 -13.74 15.22
N LYS A 318 0.63 -13.68 13.92
CA LYS A 318 0.88 -14.87 13.10
C LYS A 318 -0.33 -15.81 13.10
N THR A 319 -1.51 -15.22 12.91
CA THR A 319 -2.76 -15.96 12.80
C THR A 319 -3.48 -15.54 11.53
N TYR A 320 -4.47 -16.34 11.14
CA TYR A 320 -5.27 -16.04 9.96
C TYR A 320 -6.75 -16.28 10.26
N LYS A 321 -7.61 -15.63 9.49
CA LYS A 321 -9.05 -15.78 9.61
C LYS A 321 -9.64 -15.99 8.23
N VAL A 322 -10.44 -17.05 8.09
CA VAL A 322 -11.03 -17.41 6.81
C VAL A 322 -12.42 -16.79 6.72
N ALA A 323 -12.66 -16.01 5.67
CA ALA A 323 -13.96 -15.42 5.44
C ALA A 323 -14.90 -16.43 4.79
N LYS A 324 -16.20 -16.14 4.88
CA LYS A 324 -17.20 -17.02 4.27
C LYS A 324 -17.10 -17.06 2.76
N ARG A 325 -16.51 -16.03 2.14
CA ARG A 325 -16.41 -16.00 0.68
C ARG A 325 -15.51 -17.09 0.12
N LEU A 326 -14.59 -17.62 0.92
CA LEU A 326 -13.75 -18.72 0.45
C LEU A 326 -14.57 -19.98 0.24
N TYR A 327 -15.58 -20.22 1.09
CA TYR A 327 -16.40 -21.41 0.96
C TYR A 327 -17.53 -21.22 -0.05
N THR A 328 -18.08 -20.01 -0.15
CA THR A 328 -19.11 -19.76 -1.15
C THR A 328 -18.55 -19.85 -2.57
N ILE A 329 -17.36 -19.29 -2.78
CA ILE A 329 -16.68 -19.49 -4.06
C ILE A 329 -16.27 -20.94 -4.22
N GLY A 330 -15.92 -21.61 -3.11
CA GLY A 330 -15.59 -23.03 -3.16
C GLY A 330 -16.75 -23.91 -3.58
N GLN A 331 -17.99 -23.41 -3.44
CA GLN A 331 -19.15 -24.15 -3.94
C GLN A 331 -19.06 -24.35 -5.45
N PHE A 332 -18.38 -23.44 -6.15
CA PHE A 332 -18.11 -23.57 -7.58
C PHE A 332 -16.74 -24.17 -7.85
N SER A 333 -15.69 -23.69 -7.17
CA SER A 333 -14.33 -23.98 -7.60
C SER A 333 -13.90 -25.40 -7.25
N ARG A 334 -14.38 -25.94 -6.13
CA ARG A 334 -13.94 -27.28 -5.72
C ARG A 334 -14.40 -28.35 -6.71
N PHE A 335 -15.62 -28.24 -7.21
CA PHE A 335 -16.21 -29.29 -8.04
C PHE A 335 -16.10 -29.04 -9.53
N ILE A 336 -16.19 -27.78 -9.97
CA ILE A 336 -16.10 -27.45 -11.39
C ILE A 336 -14.61 -27.37 -11.74
N ARG A 337 -14.08 -28.46 -12.29
CA ARG A 337 -12.67 -28.56 -12.62
C ARG A 337 -12.41 -28.05 -14.03
N PRO A 338 -11.16 -27.75 -14.38
CA PRO A 338 -10.86 -27.36 -15.76
C PRO A 338 -11.29 -28.43 -16.75
N GLY A 339 -11.93 -28.00 -17.83
CA GLY A 339 -12.48 -28.90 -18.81
C GLY A 339 -13.97 -29.16 -18.65
N TRP A 340 -14.56 -28.76 -17.53
CA TRP A 340 -15.99 -28.94 -17.34
C TRP A 340 -16.78 -28.02 -18.28
N GLN A 341 -18.08 -28.26 -18.36
CA GLN A 341 -18.94 -27.61 -19.34
C GLN A 341 -20.25 -27.23 -18.67
N ARG A 342 -20.62 -25.96 -18.79
CA ARG A 342 -21.88 -25.49 -18.23
C ARG A 342 -23.04 -25.98 -19.08
N ILE A 343 -24.07 -26.52 -18.42
CA ILE A 343 -25.26 -27.01 -19.09
C ILE A 343 -26.47 -26.18 -18.64
N GLU A 344 -27.60 -26.45 -19.28
CA GLU A 344 -28.80 -25.64 -19.04
C GLU A 344 -29.41 -25.95 -17.68
N ALA A 345 -29.87 -24.90 -17.02
CA ALA A 345 -30.57 -25.03 -15.74
C ALA A 345 -31.40 -23.78 -15.53
N THR A 346 -32.54 -23.94 -14.87
CA THR A 346 -33.43 -22.83 -14.58
C THR A 346 -32.69 -21.78 -13.75
N LYS A 347 -32.31 -20.68 -14.39
CA LYS A 347 -31.39 -19.73 -13.76
C LYS A 347 -32.04 -18.97 -12.60
N ASN A 348 -33.35 -18.78 -12.64
CA ASN A 348 -34.07 -18.04 -11.60
C ASN A 348 -35.43 -18.68 -11.39
N PRO A 349 -35.49 -19.79 -10.64
CA PRO A 349 -36.78 -20.47 -10.46
C PRO A 349 -37.74 -19.69 -9.58
N VAL A 350 -37.25 -19.02 -8.54
CA VAL A 350 -38.07 -18.25 -7.62
C VAL A 350 -37.26 -17.04 -7.17
N SER A 351 -37.91 -16.15 -6.42
CA SER A 351 -37.27 -14.91 -6.01
C SER A 351 -36.05 -15.20 -5.15
N ASN A 352 -34.94 -14.52 -5.48
CA ASN A 352 -33.67 -14.59 -4.75
C ASN A 352 -33.02 -15.97 -4.78
N VAL A 353 -33.34 -16.79 -5.79
CA VAL A 353 -32.72 -18.09 -5.97
C VAL A 353 -32.15 -18.17 -7.38
N TYR A 354 -30.86 -18.51 -7.47
CA TYR A 354 -30.14 -18.53 -8.73
C TYR A 354 -29.37 -19.82 -8.85
N VAL A 355 -29.56 -20.53 -9.97
CA VAL A 355 -29.05 -21.88 -10.14
C VAL A 355 -28.27 -21.96 -11.44
N THR A 356 -27.14 -22.69 -11.41
CA THR A 356 -26.38 -23.05 -12.59
C THR A 356 -26.03 -24.53 -12.50
N ALA A 357 -25.76 -25.13 -13.66
CA ALA A 357 -25.43 -26.55 -13.73
C ALA A 357 -24.24 -26.76 -14.64
N TYR A 358 -23.40 -27.74 -14.29
CA TYR A 358 -22.17 -28.02 -15.00
C TYR A 358 -21.98 -29.54 -15.06
N LYS A 359 -21.15 -29.97 -16.00
CA LYS A 359 -20.86 -31.40 -16.14
C LYS A 359 -19.46 -31.58 -16.72
N ASP A 360 -18.91 -32.77 -16.49
CA ASP A 360 -17.62 -33.14 -17.05
C ASP A 360 -17.87 -34.06 -18.24
N PRO A 361 -17.58 -33.63 -19.47
CA PRO A 361 -17.89 -34.47 -20.64
C PRO A 361 -17.08 -35.75 -20.70
N LYS A 362 -15.95 -35.84 -19.98
CA LYS A 362 -15.08 -37.00 -20.07
C LYS A 362 -15.43 -38.08 -19.04
N THR A 363 -15.96 -37.70 -17.88
CA THR A 363 -16.23 -38.65 -16.81
C THR A 363 -17.71 -38.83 -16.52
N GLY A 364 -18.56 -37.88 -16.89
CA GLY A 364 -19.98 -37.96 -16.60
C GLY A 364 -20.38 -37.31 -15.29
N LYS A 365 -19.43 -36.82 -14.50
CA LYS A 365 -19.77 -36.13 -13.27
C LYS A 365 -20.47 -34.81 -13.57
N PHE A 366 -21.23 -34.32 -12.59
CA PHE A 366 -21.96 -33.07 -12.75
C PHE A 366 -22.04 -32.37 -11.41
N ALA A 367 -22.47 -31.10 -11.45
CA ALA A 367 -22.62 -30.30 -10.25
C ALA A 367 -23.69 -29.24 -10.50
N ILE A 368 -24.58 -29.08 -9.53
CA ILE A 368 -25.67 -28.11 -9.60
C ILE A 368 -25.52 -27.18 -8.41
N VAL A 369 -25.19 -25.91 -8.68
CA VAL A 369 -24.96 -24.92 -7.65
C VAL A 369 -26.18 -24.01 -7.59
N ALA A 370 -26.78 -23.89 -6.41
CA ALA A 370 -27.98 -23.09 -6.20
C ALA A 370 -27.72 -22.09 -5.08
N ILE A 371 -28.02 -20.82 -5.35
CA ILE A 371 -27.84 -19.74 -4.40
C ILE A 371 -29.22 -19.31 -3.90
N ASN A 372 -29.29 -18.95 -2.61
CA ASN A 372 -30.50 -18.38 -2.02
C ASN A 372 -30.07 -17.22 -1.14
N ASN A 373 -29.92 -16.04 -1.74
CA ASN A 373 -29.56 -14.83 -1.01
C ASN A 373 -30.77 -14.10 -0.44
N GLY A 374 -31.90 -14.80 -0.27
CA GLY A 374 -33.10 -14.21 0.27
C GLY A 374 -33.30 -14.53 1.74
N TRP A 375 -34.41 -14.04 2.27
CA TRP A 375 -34.75 -14.21 3.68
C TRP A 375 -35.66 -15.40 3.94
N SER A 376 -36.16 -16.06 2.90
CA SER A 376 -37.14 -17.12 3.05
C SER A 376 -36.56 -18.46 2.63
N LYS A 377 -37.03 -19.53 3.29
CA LYS A 377 -36.72 -20.87 2.85
C LYS A 377 -37.45 -21.15 1.54
N GLN A 378 -36.78 -21.87 0.64
CA GLN A 378 -37.33 -22.16 -0.69
C GLN A 378 -37.18 -23.64 -0.98
N SER A 379 -38.30 -24.34 -1.11
CA SER A 379 -38.30 -25.74 -1.52
C SER A 379 -38.18 -25.80 -3.04
N ILE A 380 -37.14 -26.47 -3.53
CA ILE A 380 -36.86 -26.56 -4.95
C ILE A 380 -36.88 -28.02 -5.37
N THR A 381 -37.56 -28.31 -6.47
CA THR A 381 -37.60 -29.64 -7.06
C THR A 381 -36.78 -29.61 -8.35
N TYR A 382 -35.74 -30.42 -8.41
CA TYR A 382 -34.83 -30.44 -9.55
C TYR A 382 -35.17 -31.63 -10.45
N THR A 383 -35.54 -31.34 -11.69
CA THR A 383 -35.83 -32.37 -12.69
C THR A 383 -34.63 -32.48 -13.62
N LEU A 384 -34.04 -33.67 -13.68
CA LEU A 384 -32.85 -33.91 -14.49
C LEU A 384 -33.27 -34.46 -15.85
N LYS A 385 -33.03 -33.67 -16.90
CA LYS A 385 -33.47 -34.00 -18.25
C LYS A 385 -32.27 -34.51 -19.03
N GLY A 386 -32.34 -35.78 -19.45
CA GLY A 386 -31.30 -36.38 -20.26
C GLY A 386 -30.27 -37.19 -19.49
N PHE A 387 -30.43 -37.34 -18.18
CA PHE A 387 -29.51 -38.13 -17.38
C PHE A 387 -30.20 -38.53 -16.09
N SER A 388 -29.91 -39.73 -15.61
CA SER A 388 -30.61 -40.32 -14.46
C SER A 388 -29.59 -40.90 -13.49
N PRO A 389 -28.98 -40.07 -12.64
CA PRO A 389 -28.14 -40.58 -11.56
C PRO A 389 -29.01 -41.12 -10.43
N ALA A 390 -28.39 -41.94 -9.59
CA ALA A 390 -29.08 -42.57 -8.47
C ALA A 390 -29.17 -41.67 -7.24
N SER A 391 -28.21 -40.78 -7.04
CA SER A 391 -28.21 -39.91 -5.87
C SER A 391 -27.32 -38.71 -6.13
N VAL A 392 -27.44 -37.71 -5.26
CA VAL A 392 -26.61 -36.51 -5.28
C VAL A 392 -26.15 -36.22 -3.86
N THR A 393 -24.97 -35.59 -3.75
CA THR A 393 -24.41 -35.24 -2.46
C THR A 393 -24.40 -33.73 -2.29
N PRO A 394 -25.10 -33.20 -1.28
CA PRO A 394 -25.15 -31.74 -1.11
C PRO A 394 -24.03 -31.19 -0.25
N TYR A 395 -23.51 -30.05 -0.68
CA TYR A 395 -22.53 -29.28 0.09
C TYR A 395 -23.10 -27.88 0.28
N THR A 396 -23.21 -27.45 1.54
CA THR A 396 -23.89 -26.21 1.88
C THR A 396 -22.97 -25.28 2.66
N THR A 397 -22.99 -24.01 2.29
CA THR A 397 -22.30 -22.96 3.03
C THR A 397 -23.33 -21.92 3.46
N SER A 398 -23.38 -21.65 4.76
CA SER A 398 -24.32 -20.69 5.31
C SER A 398 -23.62 -19.92 6.43
N SER A 399 -24.41 -19.30 7.30
CA SER A 399 -23.83 -18.60 8.44
C SER A 399 -23.24 -19.56 9.47
N THR A 400 -23.60 -20.83 9.41
CA THR A 400 -23.11 -21.84 10.35
C THR A 400 -22.44 -23.02 9.64
N GLN A 401 -22.30 -22.97 8.32
CA GLN A 401 -21.75 -24.07 7.55
C GLN A 401 -20.68 -23.56 6.60
N ASN A 402 -19.62 -24.34 6.42
CA ASN A 402 -18.50 -24.00 5.54
C ASN A 402 -18.23 -25.20 4.64
N LEU A 403 -18.88 -25.21 3.48
CA LEU A 403 -18.71 -26.29 2.49
C LEU A 403 -19.03 -27.65 3.11
N GLU A 404 -20.03 -27.67 3.98
CA GLU A 404 -20.35 -28.85 4.77
C GLU A 404 -21.09 -29.87 3.94
N LYS A 405 -20.58 -31.11 3.93
CA LYS A 405 -21.22 -32.20 3.20
C LYS A 405 -22.43 -32.69 3.98
N GLY A 406 -23.55 -32.85 3.28
CA GLY A 406 -24.76 -33.36 3.86
C GLY A 406 -25.04 -34.80 3.45
N SER A 407 -26.16 -35.31 3.98
CA SER A 407 -26.58 -36.67 3.65
C SER A 407 -26.99 -36.76 2.19
N ASP A 408 -26.66 -37.89 1.56
CA ASP A 408 -26.97 -38.08 0.16
C ASP A 408 -28.48 -38.06 -0.06
N ILE A 409 -28.89 -37.51 -1.19
CA ILE A 409 -30.29 -37.33 -1.54
C ILE A 409 -30.62 -38.31 -2.66
N THR A 410 -31.63 -39.15 -2.44
CA THR A 410 -32.02 -40.14 -3.43
C THR A 410 -32.72 -39.45 -4.60
N VAL A 411 -32.32 -39.79 -5.82
CA VAL A 411 -32.92 -39.26 -7.04
C VAL A 411 -33.91 -40.29 -7.54
N ASN A 412 -35.20 -39.97 -7.48
CA ASN A 412 -36.27 -40.87 -7.88
C ASN A 412 -36.82 -40.43 -9.23
N ASN A 413 -36.58 -41.23 -10.27
CA ASN A 413 -37.04 -40.95 -11.63
C ASN A 413 -36.52 -39.59 -12.12
N SER A 414 -35.22 -39.38 -11.96
CA SER A 414 -34.55 -38.17 -12.44
C SER A 414 -35.10 -36.90 -11.79
N SER A 415 -35.44 -36.99 -10.50
CA SER A 415 -35.98 -35.84 -9.79
C SER A 415 -35.66 -35.98 -8.30
N PHE A 416 -35.29 -34.85 -7.69
CA PHE A 416 -35.03 -34.80 -6.25
C PHE A 416 -35.39 -33.41 -5.77
N SER A 417 -35.66 -33.31 -4.46
CA SER A 417 -36.08 -32.06 -3.85
C SER A 417 -35.15 -31.70 -2.70
N PHE A 418 -35.02 -30.39 -2.46
CA PHE A 418 -34.18 -29.90 -1.38
C PHE A 418 -34.60 -28.48 -1.05
N GLU A 419 -34.73 -28.19 0.25
CA GLU A 419 -35.13 -26.87 0.71
C GLU A 419 -33.88 -26.03 0.96
N LEU A 420 -33.76 -24.92 0.23
CA LEU A 420 -32.62 -24.03 0.40
C LEU A 420 -32.85 -23.11 1.59
N ALA A 421 -31.96 -23.17 2.56
CA ALA A 421 -32.05 -22.29 3.71
C ALA A 421 -31.81 -20.85 3.27
N PRO A 422 -32.39 -19.87 3.97
CA PRO A 422 -32.17 -18.47 3.58
C PRO A 422 -30.74 -18.04 3.87
N ASN A 423 -30.18 -17.24 2.96
CA ASN A 423 -28.80 -16.80 3.03
C ASN A 423 -27.83 -17.97 3.05
N SER A 424 -27.93 -18.81 2.01
CA SER A 424 -27.10 -20.00 1.91
C SER A 424 -26.89 -20.34 0.44
N ILE A 425 -25.99 -21.29 0.20
CA ILE A 425 -25.70 -21.78 -1.14
C ILE A 425 -25.38 -23.27 -1.04
N THR A 426 -26.01 -24.07 -1.91
CA THR A 426 -25.89 -25.52 -1.88
C THR A 426 -25.48 -26.03 -3.24
N THR A 427 -24.50 -26.94 -3.27
CA THR A 427 -24.04 -27.57 -4.50
C THR A 427 -24.34 -29.06 -4.43
N PHE A 428 -25.06 -29.56 -5.44
CA PHE A 428 -25.40 -30.97 -5.53
C PHE A 428 -24.46 -31.63 -6.53
N VAL A 429 -23.67 -32.60 -6.06
N VAL A 429 -23.68 -32.62 -6.06
CA VAL A 429 -22.69 -33.28 -6.89
CA VAL A 429 -22.67 -33.29 -6.86
C VAL A 429 -23.13 -34.72 -7.09
C VAL A 429 -23.08 -34.74 -7.06
N GLY A 430 -22.90 -35.24 -8.29
CA GLY A 430 -23.25 -36.61 -8.60
C GLY A 430 -22.46 -37.08 -9.80
N ASP A 431 -22.64 -38.36 -10.13
CA ASP A 431 -21.96 -38.97 -11.25
C ASP A 431 -22.92 -39.89 -12.00
N THR A 432 -22.91 -39.79 -13.32
CA THR A 432 -23.76 -40.63 -14.15
C THR A 432 -23.11 -41.95 -14.54
N GLU A 433 -21.78 -42.04 -14.46
CA GLU A 433 -21.06 -43.26 -14.77
C GLU A 433 -20.50 -43.86 -13.49
N SER A 434 -20.41 -45.18 -13.47
CA SER A 434 -19.93 -45.90 -12.29
C SER A 434 -19.36 -47.26 -12.64
N ALA B 2 42.44 27.02 4.20
CA ALA B 2 41.62 25.81 4.26
C ALA B 2 41.40 25.35 5.69
N SER B 3 40.78 24.19 5.85
CA SER B 3 40.52 23.62 7.17
C SER B 3 40.31 22.12 7.02
N THR B 4 40.36 21.42 8.15
CA THR B 4 40.30 19.96 8.18
C THR B 4 39.14 19.50 9.05
N VAL B 5 38.41 18.50 8.57
CA VAL B 5 37.32 17.87 9.30
C VAL B 5 37.65 16.39 9.46
N THR B 6 37.55 15.89 10.69
CA THR B 6 37.81 14.48 10.98
C THR B 6 36.49 13.80 11.29
N VAL B 7 36.14 12.78 10.50
CA VAL B 7 34.92 12.01 10.68
C VAL B 7 35.30 10.65 11.25
N ASP B 8 34.81 10.38 12.47
CA ASP B 8 35.13 9.15 13.18
C ASP B 8 33.99 8.15 12.97
N TRP B 9 34.34 6.97 12.44
CA TRP B 9 33.35 5.94 12.19
C TRP B 9 32.91 5.25 13.47
N ASP B 10 33.77 5.23 14.49
CA ASP B 10 33.53 4.46 15.69
C ASP B 10 33.06 5.30 16.88
N THR B 11 32.87 6.59 16.70
CA THR B 11 32.32 7.46 17.73
C THR B 11 30.91 7.85 17.28
N THR B 12 29.91 7.16 17.81
CA THR B 12 28.53 7.30 17.38
C THR B 12 27.70 8.00 18.45
N TYR B 13 26.56 8.55 18.03
CA TYR B 13 25.68 9.26 18.94
C TYR B 13 24.23 8.76 18.81
N GLN B 14 23.30 9.68 18.56
CA GLN B 14 21.89 9.32 18.59
C GLN B 14 21.45 8.69 17.27
N THR B 15 20.35 7.96 17.32
CA THR B 15 19.74 7.34 16.15
C THR B 15 18.72 8.31 15.55
N ILE B 16 18.76 8.46 14.24
CA ILE B 16 17.87 9.38 13.53
C ILE B 16 16.59 8.64 13.16
N ASP B 17 15.45 9.14 13.66
CA ASP B 17 14.17 8.53 13.33
C ASP B 17 13.65 8.98 11.97
N GLY B 18 14.10 10.12 11.46
CA GLY B 18 13.73 10.58 10.15
C GLY B 18 13.37 12.04 10.16
N PHE B 19 12.79 12.50 9.05
CA PHE B 19 12.35 13.87 8.88
C PHE B 19 10.96 13.85 8.28
N GLY B 20 10.21 14.94 8.51
CA GLY B 20 8.84 14.96 8.01
C GLY B 20 8.29 16.37 7.90
N VAL B 21 7.12 16.45 7.28
CA VAL B 21 6.33 17.66 7.16
C VAL B 21 4.88 17.32 7.44
N SER B 22 4.00 18.32 7.35
CA SER B 22 2.59 18.14 7.64
C SER B 22 1.75 18.72 6.50
N GLU B 23 0.51 18.22 6.42
CA GLU B 23 -0.48 18.71 5.47
C GLU B 23 -1.82 18.93 6.15
N ALA B 24 -1.80 19.30 7.43
CA ALA B 24 -3.02 19.50 8.19
C ALA B 24 -3.72 20.78 7.73
N PHE B 25 -4.95 20.96 8.21
CA PHE B 25 -5.75 22.15 7.93
C PHE B 25 -6.05 22.29 6.44
N HIS B 26 -6.55 21.22 5.84
CA HIS B 26 -7.00 21.16 4.46
C HIS B 26 -5.90 21.31 3.43
N GLN B 27 -4.63 21.39 3.85
CA GLN B 27 -3.55 21.56 2.89
C GLN B 27 -3.31 20.32 2.04
N SER B 28 -3.70 19.14 2.54
CA SER B 28 -3.61 17.94 1.72
C SER B 28 -4.62 17.99 0.57
N ASN B 29 -5.79 18.58 0.82
CA ASN B 29 -6.78 18.73 -0.25
C ASN B 29 -6.42 19.86 -1.20
N ASN B 30 -5.70 20.88 -0.73
CA ASN B 30 -5.26 21.95 -1.61
C ASN B 30 -4.24 21.46 -2.62
N ILE B 31 -3.48 20.41 -2.28
CA ILE B 31 -2.56 19.81 -3.24
C ILE B 31 -3.33 19.12 -4.36
N ALA B 32 -4.41 18.41 -4.01
CA ALA B 32 -5.22 17.73 -5.01
C ALA B 32 -5.98 18.73 -5.89
N ARG B 33 -6.24 19.93 -5.37
CA ARG B 33 -6.95 20.94 -6.15
C ARG B 33 -6.09 21.54 -7.26
N LEU B 34 -4.79 21.23 -7.30
CA LEU B 34 -3.94 21.69 -8.38
C LEU B 34 -4.00 20.78 -9.60
N GLY B 35 -4.70 19.65 -9.51
CA GLY B 35 -4.77 18.69 -10.59
C GLY B 35 -3.90 17.48 -10.33
N GLU B 36 -4.16 16.41 -11.09
CA GLU B 36 -3.43 15.17 -10.89
C GLU B 36 -1.94 15.33 -11.17
N THR B 37 -1.59 16.09 -12.21
CA THR B 37 -0.19 16.23 -12.60
C THR B 37 0.61 16.96 -11.53
N LYS B 38 0.16 18.16 -11.14
CA LYS B 38 0.89 18.93 -10.15
C LYS B 38 0.83 18.29 -8.77
N GLN B 39 -0.20 17.50 -8.50
CA GLN B 39 -0.25 16.77 -7.23
C GLN B 39 0.85 15.73 -7.14
N ASN B 40 1.05 14.96 -8.22
CA ASN B 40 2.12 13.98 -8.23
C ASN B 40 3.50 14.64 -8.24
N GLU B 41 3.61 15.83 -8.83
CA GLU B 41 4.86 16.56 -8.78
C GLU B 41 5.19 17.00 -7.36
N ILE B 42 4.19 17.46 -6.62
CA ILE B 42 4.41 17.87 -5.24
C ILE B 42 4.71 16.66 -4.35
N TYR B 43 4.02 15.55 -4.58
CA TYR B 43 4.32 14.31 -3.86
C TYR B 43 5.76 13.89 -4.09
N ASP B 44 6.26 14.07 -5.32
CA ASP B 44 7.62 13.65 -5.65
C ASP B 44 8.65 14.59 -5.04
N LEU B 45 8.36 15.89 -5.04
CA LEU B 45 9.29 16.85 -4.45
C LEU B 45 9.44 16.67 -2.95
N LEU B 46 8.47 16.07 -2.27
CA LEU B 46 8.49 15.94 -0.83
C LEU B 46 8.99 14.59 -0.36
N PHE B 47 8.63 13.50 -1.04
CA PHE B 47 8.86 12.16 -0.53
C PHE B 47 9.78 11.28 -1.37
N SER B 48 10.15 11.70 -2.58
CA SER B 48 11.03 10.90 -3.40
C SER B 48 12.46 11.00 -2.90
N THR B 49 13.14 9.86 -2.81
CA THR B 49 14.53 9.81 -2.37
C THR B 49 15.51 9.92 -3.54
N THR B 50 15.02 10.09 -4.76
CA THR B 50 15.87 10.23 -5.94
C THR B 50 15.80 11.60 -6.57
N ASP B 51 14.63 12.24 -6.57
CA ASP B 51 14.48 13.58 -7.14
C ASP B 51 13.58 14.46 -6.27
N GLY B 52 13.60 14.23 -4.96
CA GLY B 52 12.82 15.02 -4.04
C GLY B 52 13.50 15.17 -2.69
N ALA B 53 12.76 15.65 -1.69
CA ALA B 53 13.32 15.82 -0.36
C ALA B 53 13.40 14.51 0.42
N GLY B 54 12.58 13.52 0.07
CA GLY B 54 12.64 12.23 0.72
C GLY B 54 12.26 12.23 2.18
N PHE B 55 11.24 12.99 2.55
CA PHE B 55 10.77 12.99 3.93
C PHE B 55 10.22 11.61 4.29
N SER B 56 10.70 11.06 5.40
CA SER B 56 10.36 9.71 5.81
C SER B 56 9.23 9.65 6.84
N ILE B 57 8.78 10.80 7.33
CA ILE B 57 7.71 10.87 8.32
C ILE B 57 6.62 11.80 7.79
N PHE B 58 5.38 11.55 8.22
CA PHE B 58 4.24 12.35 7.81
C PHE B 58 3.41 12.69 9.04
N ARG B 59 3.17 13.98 9.26
CA ARG B 59 2.43 14.47 10.41
C ARG B 59 1.07 14.96 9.95
N SER B 60 0.01 14.50 10.63
CA SER B 60 -1.35 14.87 10.32
C SER B 60 -2.08 15.31 11.57
N ILE B 61 -3.23 15.94 11.38
CA ILE B 61 -4.08 16.39 12.48
C ILE B 61 -5.15 15.35 12.76
N LEU B 62 -5.45 15.14 14.03
CA LEU B 62 -6.58 14.32 14.45
C LEU B 62 -7.83 15.20 14.44
N GLY B 63 -8.81 14.83 13.63
CA GLY B 63 -10.02 15.62 13.49
C GLY B 63 -10.73 15.89 14.80
N ASP B 64 -11.07 17.16 15.04
CA ASP B 64 -11.72 17.57 16.28
C ASP B 64 -13.16 18.02 16.09
N GLY B 65 -13.64 18.08 14.84
CA GLY B 65 -14.99 18.53 14.57
C GLY B 65 -15.22 20.01 14.76
N GLY B 66 -14.20 20.84 14.61
CA GLY B 66 -14.37 22.27 14.78
C GLY B 66 -15.12 22.90 13.61
N THR B 67 -15.66 24.09 13.86
CA THR B 67 -16.42 24.83 12.86
C THR B 67 -15.75 26.15 12.46
N TRP B 68 -14.52 26.37 12.90
CA TRP B 68 -13.80 27.59 12.56
C TRP B 68 -13.21 27.49 11.15
N GLY B 69 -12.53 28.55 10.73
CA GLY B 69 -11.86 28.57 9.44
C GLY B 69 -12.81 28.42 8.27
N ASN B 70 -12.24 27.95 7.15
CA ASN B 70 -13.00 27.71 5.93
C ASN B 70 -12.48 26.44 5.27
N ALA B 71 -12.87 26.23 4.02
CA ALA B 71 -12.48 25.03 3.29
C ALA B 71 -11.01 25.08 2.85
N ASP B 72 -10.43 26.26 2.70
CA ASP B 72 -9.04 26.37 2.33
C ASP B 72 -8.10 26.22 3.52
N ASP B 73 -8.58 26.52 4.73
CA ASP B 73 -7.75 26.45 5.92
C ASP B 73 -8.70 26.29 7.11
N GLY B 74 -9.01 25.04 7.45
CA GLY B 74 -9.94 24.75 8.53
C GLY B 74 -9.76 23.37 9.10
N PRO B 75 -10.56 23.04 10.12
CA PRO B 75 -10.45 21.75 10.77
C PRO B 75 -11.26 20.68 10.05
N ASN B 76 -11.01 19.44 10.43
CA ASN B 76 -11.74 18.28 9.92
C ASN B 76 -12.73 17.78 10.96
N LYS B 77 -13.67 16.97 10.50
CA LYS B 77 -14.63 16.36 11.40
C LYS B 77 -13.97 15.28 12.23
N THR B 78 -14.48 15.09 13.44
CA THR B 78 -13.93 14.11 14.37
C THR B 78 -14.65 12.78 14.22
N MET B 79 -13.94 11.70 14.53
CA MET B 79 -14.51 10.36 14.48
C MET B 79 -15.44 10.07 15.65
N GLN B 80 -15.45 10.93 16.67
CA GLN B 80 -16.36 10.79 17.81
C GLN B 80 -17.01 12.13 18.06
N PRO B 81 -18.03 12.48 17.27
CA PRO B 81 -18.68 13.80 17.44
C PRO B 81 -19.41 13.96 18.76
N ALA B 82 -19.84 12.87 19.39
CA ALA B 82 -20.48 12.92 20.70
C ALA B 82 -19.94 11.79 21.56
N GLU B 83 -20.17 11.91 22.88
CA GLU B 83 -19.67 10.89 23.80
C GLU B 83 -20.26 9.52 23.53
N ASP B 84 -21.46 9.48 22.95
CA ASP B 84 -22.15 8.22 22.68
C ASP B 84 -22.19 7.87 21.20
N VAL B 85 -21.52 8.65 20.35
CA VAL B 85 -21.59 8.48 18.89
C VAL B 85 -20.17 8.39 18.35
N TRP B 86 -19.86 7.26 17.71
CA TRP B 86 -18.62 7.09 16.97
C TRP B 86 -18.97 7.09 15.48
N ASP B 87 -18.20 7.85 14.69
CA ASP B 87 -18.44 7.99 13.25
C ASP B 87 -17.12 7.74 12.52
N TRP B 88 -16.87 6.49 12.16
CA TRP B 88 -15.64 6.12 11.46
C TRP B 88 -15.84 6.25 9.95
N ASN B 89 -16.06 7.48 9.53
CA ASN B 89 -16.18 7.83 8.12
C ASN B 89 -14.84 8.37 7.64
N GLU B 90 -14.20 7.66 6.71
CA GLU B 90 -12.87 8.04 6.28
C GLU B 90 -12.86 9.37 5.53
N SER B 91 -14.01 9.84 5.07
CA SER B 91 -14.08 11.15 4.43
C SER B 91 -13.95 12.30 5.43
N ASN B 92 -14.11 12.04 6.72
CA ASN B 92 -13.89 13.08 7.72
C ASN B 92 -12.44 13.53 7.75
N ASP B 93 -11.51 12.64 7.48
CA ASP B 93 -10.08 12.94 7.47
C ASP B 93 -9.66 13.12 6.01
N ASP B 94 -9.48 14.37 5.59
CA ASP B 94 -9.07 14.66 4.22
C ASP B 94 -7.59 14.38 3.97
N GLN B 95 -6.88 13.83 4.94
CA GLN B 95 -5.49 13.45 4.79
C GLN B 95 -5.30 11.98 4.46
N ILE B 96 -6.37 11.17 4.57
CA ILE B 96 -6.26 9.74 4.30
C ILE B 96 -5.85 9.43 2.86
N PRO B 97 -6.47 10.01 1.83
CA PRO B 97 -6.03 9.69 0.45
C PRO B 97 -4.58 10.01 0.18
N MET B 98 -4.03 11.07 0.78
CA MET B 98 -2.63 11.38 0.56
C MET B 98 -1.72 10.38 1.28
N ILE B 99 -2.12 9.91 2.46
CA ILE B 99 -1.32 8.94 3.20
C ILE B 99 -1.21 7.64 2.41
N ARG B 100 -2.34 7.13 1.91
CA ARG B 100 -2.32 5.90 1.13
C ARG B 100 -1.47 6.04 -0.12
N ALA B 101 -1.41 7.23 -0.70
CA ALA B 101 -0.61 7.43 -1.91
C ALA B 101 0.88 7.46 -1.59
N ILE B 102 1.26 8.18 -0.53
CA ILE B 102 2.68 8.29 -0.22
C ILE B 102 3.22 7.03 0.45
N GLN B 103 2.38 6.28 1.17
CA GLN B 103 2.83 5.02 1.75
C GLN B 103 3.06 3.97 0.68
N SER B 104 2.24 3.99 -0.37
CA SER B 104 2.38 2.99 -1.44
C SER B 104 3.50 3.35 -2.40
N LYS B 105 3.56 4.62 -2.82
CA LYS B 105 4.51 5.01 -3.86
C LYS B 105 5.92 5.25 -3.32
N TYR B 106 6.04 5.76 -2.09
CA TYR B 106 7.34 6.13 -1.55
C TYR B 106 7.72 5.37 -0.28
N GLY B 107 6.84 4.53 0.25
CA GLY B 107 7.19 3.74 1.41
C GLY B 107 7.29 4.50 2.71
N VAL B 108 6.61 5.65 2.82
CA VAL B 108 6.60 6.41 4.07
C VAL B 108 5.86 5.59 5.11
N ASP B 109 6.61 5.00 6.06
CA ASP B 109 6.03 4.07 7.02
C ASP B 109 6.03 4.62 8.45
N GLN B 110 6.13 5.93 8.61
CA GLN B 110 6.01 6.57 9.91
C GLN B 110 4.91 7.62 9.82
N ILE B 111 3.80 7.37 10.52
CA ILE B 111 2.61 8.21 10.45
C ILE B 111 2.33 8.77 11.82
N LEU B 112 2.32 10.10 11.93
CA LEU B 112 2.04 10.80 13.18
C LEU B 112 0.71 11.52 13.06
N TYR B 113 -0.08 11.46 14.13
CA TYR B 113 -1.34 12.20 14.23
C TYR B 113 -1.32 13.02 15.50
N THR B 114 -1.15 14.34 15.35
CA THR B 114 -1.09 15.25 16.49
C THR B 114 -2.48 15.83 16.74
N VAL B 115 -2.88 15.86 18.01
CA VAL B 115 -4.18 16.41 18.40
C VAL B 115 -4.00 17.89 18.69
N TRP B 116 -4.62 18.74 17.86
CA TRP B 116 -4.64 20.17 18.16
C TRP B 116 -5.60 20.48 19.30
N SER B 117 -6.69 19.73 19.40
CA SER B 117 -7.68 19.92 20.46
C SER B 117 -8.63 18.74 20.54
N PRO B 118 -9.02 18.32 21.73
CA PRO B 118 -10.07 17.30 21.86
C PRO B 118 -11.39 17.84 21.34
N PRO B 119 -12.37 16.96 21.10
CA PRO B 119 -13.68 17.45 20.62
C PRO B 119 -14.32 18.41 21.61
N ALA B 120 -15.27 19.19 21.10
CA ALA B 120 -15.86 20.27 21.89
C ALA B 120 -16.58 19.76 23.13
N TRP B 121 -17.15 18.55 23.06
CA TRP B 121 -17.86 18.01 24.22
C TRP B 121 -16.91 17.55 25.34
N MET B 122 -15.60 17.60 25.12
CA MET B 122 -14.62 17.31 26.15
C MET B 122 -14.02 18.56 26.79
N LYS B 123 -14.23 19.73 26.19
CA LYS B 123 -13.53 20.93 26.58
C LYS B 123 -14.29 21.70 27.66
N THR B 124 -13.54 22.51 28.42
CA THR B 124 -14.14 23.29 29.49
C THR B 124 -15.00 24.43 28.95
N ASN B 125 -14.71 24.91 27.75
CA ASN B 125 -15.46 25.99 27.13
C ASN B 125 -16.43 25.50 26.06
N GLY B 126 -16.53 24.19 25.85
CA GLY B 126 -17.41 23.64 24.84
C GLY B 126 -17.04 24.00 23.42
N SER B 127 -15.75 24.17 23.14
CA SER B 127 -15.31 24.54 21.81
C SER B 127 -13.89 24.03 21.59
N VAL B 128 -13.56 23.79 20.32
CA VAL B 128 -12.20 23.36 19.98
C VAL B 128 -11.21 24.52 19.99
N VAL B 129 -11.69 25.76 20.07
CA VAL B 129 -10.84 26.95 20.04
C VAL B 129 -10.62 27.39 21.48
N GLY B 130 -9.38 27.27 21.95
CA GLY B 130 -9.07 27.66 23.31
C GLY B 130 -9.63 26.69 24.33
N GLY B 131 -9.48 27.07 25.60
CA GLY B 131 -9.95 26.27 26.69
C GLY B 131 -9.00 25.16 27.07
N SER B 132 -9.51 24.23 27.87
CA SER B 132 -8.73 23.10 28.36
C SER B 132 -9.62 21.87 28.39
N LEU B 133 -8.99 20.72 28.65
CA LEU B 133 -9.72 19.46 28.75
C LEU B 133 -10.34 19.34 30.13
N ARG B 134 -11.63 18.98 30.16
CA ARG B 134 -12.32 18.79 31.43
C ARG B 134 -11.72 17.61 32.19
N THR B 135 -11.59 17.78 33.51
CA THR B 135 -10.98 16.72 34.32
C THR B 135 -11.84 15.47 34.36
N ASP B 136 -13.16 15.61 34.21
CA ASP B 136 -14.05 14.46 34.12
C ASP B 136 -14.08 13.85 32.72
N LYS B 137 -13.20 14.32 31.82
CA LYS B 137 -13.11 13.80 30.46
C LYS B 137 -11.72 13.27 30.14
N TYR B 138 -10.88 13.07 31.17
CA TYR B 138 -9.55 12.50 30.94
C TYR B 138 -9.63 11.08 30.42
N GLN B 139 -10.48 10.25 31.02
CA GLN B 139 -10.67 8.89 30.53
C GLN B 139 -11.32 8.87 29.14
N ALA B 140 -12.23 9.82 28.89
CA ALA B 140 -12.84 9.91 27.56
C ALA B 140 -11.81 10.26 26.51
N TYR B 141 -10.82 11.10 26.85
CA TYR B 141 -9.79 11.46 25.90
C TYR B 141 -8.74 10.36 25.74
N ALA B 142 -8.45 9.62 26.81
CA ALA B 142 -7.53 8.49 26.70
C ALA B 142 -8.12 7.40 25.82
N THR B 143 -9.41 7.12 25.98
CA THR B 143 -10.10 6.20 25.07
C THR B 143 -10.21 6.79 23.67
N TYR B 144 -10.38 8.12 23.58
CA TYR B 144 -10.43 8.79 22.28
C TYR B 144 -9.16 8.54 21.49
N LEU B 145 -8.01 8.57 22.16
CA LEU B 145 -6.74 8.36 21.47
C LEU B 145 -6.54 6.88 21.13
N ALA B 146 -6.88 5.99 22.06
CA ALA B 146 -6.67 4.57 21.83
C ALA B 146 -7.58 4.03 20.72
N GLU B 147 -8.86 4.42 20.75
CA GLU B 147 -9.80 3.92 19.74
C GLU B 147 -9.45 4.44 18.36
N HIS B 148 -8.81 5.61 18.30
CA HIS B 148 -8.41 6.17 17.01
C HIS B 148 -7.25 5.38 16.42
N ILE B 149 -6.27 5.00 17.25
CA ILE B 149 -5.16 4.18 16.77
C ILE B 149 -5.66 2.80 16.35
N LYS B 150 -6.65 2.26 17.07
CA LYS B 150 -7.16 0.93 16.76
C LYS B 150 -7.99 0.93 15.48
N ASN B 151 -8.92 1.88 15.37
CA ASN B 151 -9.86 1.87 14.24
C ASN B 151 -9.26 2.44 12.95
N TYR B 152 -8.24 3.27 13.03
CA TYR B 152 -7.56 3.71 11.82
C TYR B 152 -6.89 2.55 11.10
N LYS B 153 -6.56 1.49 11.83
CA LYS B 153 -5.99 0.29 11.24
C LYS B 153 -7.07 -0.74 10.92
N SER B 154 -8.06 -0.89 11.79
CA SER B 154 -9.07 -1.92 11.60
C SER B 154 -10.14 -1.50 10.59
N LYS B 155 -10.35 -0.20 10.40
CA LYS B 155 -11.37 0.29 9.49
C LYS B 155 -10.82 1.03 8.28
N PHE B 156 -9.73 1.78 8.44
CA PHE B 156 -9.12 2.51 7.34
C PHE B 156 -7.84 1.87 6.82
N GLY B 157 -7.25 0.95 7.57
CA GLY B 157 -6.02 0.31 7.13
C GLY B 157 -4.78 1.15 7.29
N ILE B 158 -4.84 2.22 8.08
CA ILE B 158 -3.71 3.11 8.30
C ILE B 158 -3.12 2.83 9.68
N GLU B 159 -1.82 2.53 9.73
CA GLU B 159 -1.14 2.23 10.97
C GLU B 159 -0.52 3.50 11.52
N ILE B 160 -1.15 4.06 12.55
CA ILE B 160 -0.63 5.25 13.22
C ILE B 160 0.53 4.82 14.12
N THR B 161 1.76 5.14 13.71
CA THR B 161 2.93 4.72 14.45
C THR B 161 3.24 5.64 15.63
N HIS B 162 2.85 6.91 15.55
CA HIS B 162 3.11 7.87 16.61
C HIS B 162 1.87 8.74 16.82
N ILE B 163 1.59 9.05 18.07
CA ILE B 163 0.42 9.83 18.45
C ILE B 163 0.87 11.05 19.24
N GLY B 164 0.42 12.22 18.82
CA GLY B 164 0.69 13.45 19.55
C GLY B 164 -0.47 13.84 20.43
N ILE B 165 -0.27 13.82 21.76
CA ILE B 165 -1.38 13.98 22.68
C ILE B 165 -1.90 15.41 22.68
N GLN B 166 -1.06 16.40 22.40
CA GLN B 166 -1.49 17.79 22.40
C GLN B 166 -0.51 18.63 21.60
N ASN B 167 -1.03 19.53 20.78
CA ASN B 167 -0.23 20.47 20.00
C ASN B 167 -0.18 21.79 20.76
N GLU B 168 1.01 22.15 21.23
CA GLU B 168 1.26 23.40 21.95
C GLU B 168 0.30 23.57 23.12
N PRO B 169 0.47 22.81 24.20
CA PRO B 169 -0.42 22.95 25.37
C PRO B 169 -0.24 24.25 26.12
N ASN B 170 0.72 25.09 25.72
CA ASN B 170 0.95 26.38 26.35
C ASN B 170 0.13 27.50 25.74
N LEU B 171 -0.57 27.25 24.64
CA LEU B 171 -1.13 28.31 23.81
C LEU B 171 -2.60 28.04 23.52
N GLU B 172 -3.42 29.05 23.72
CA GLU B 172 -4.80 29.07 23.23
C GLU B 172 -4.84 30.02 22.05
N THR B 173 -5.25 29.50 20.89
CA THR B 173 -5.20 30.24 19.64
C THR B 173 -6.61 30.60 19.19
N SER B 174 -6.70 31.19 17.99
CA SER B 174 -7.97 31.45 17.34
C SER B 174 -8.45 30.26 16.52
N TYR B 175 -7.77 29.12 16.62
CA TYR B 175 -8.16 27.90 15.93
C TYR B 175 -8.14 26.75 16.94
N SER B 176 -7.97 25.53 16.44
CA SER B 176 -7.97 24.37 17.30
C SER B 176 -6.79 24.42 18.27
N SER B 177 -7.10 24.46 19.56
CA SER B 177 -6.07 24.55 20.59
C SER B 177 -6.67 24.09 21.92
N CYS B 178 -5.78 23.62 22.80
CA CYS B 178 -6.18 23.16 24.12
C CYS B 178 -5.01 23.36 25.06
N ARG B 179 -5.23 24.09 26.16
CA ARG B 179 -4.18 24.43 27.09
C ARG B 179 -4.07 23.42 28.20
N TRP B 180 -2.85 22.96 28.47
CA TRP B 180 -2.56 22.04 29.56
C TRP B 180 -1.47 22.65 30.45
N SER B 181 -1.43 22.18 31.68
CA SER B 181 -0.30 22.42 32.56
C SER B 181 0.54 21.15 32.66
N PRO B 182 1.83 21.28 32.95
CA PRO B 182 2.68 20.08 33.05
C PRO B 182 2.18 19.08 34.09
N GLU B 183 1.47 19.54 35.12
CA GLU B 183 0.93 18.62 36.12
C GLU B 183 -0.33 17.92 35.60
N GLU B 184 -1.18 18.64 34.87
CA GLU B 184 -2.36 18.02 34.29
C GLU B 184 -1.98 16.98 33.24
N LEU B 185 -0.84 17.17 32.56
CA LEU B 185 -0.37 16.16 31.62
C LEU B 185 0.13 14.92 32.35
N ARG B 186 0.77 15.10 33.50
CA ARG B 186 1.23 13.95 34.27
C ARG B 186 0.05 13.14 34.81
N ILE B 187 -0.97 13.82 35.33
CA ILE B 187 -2.15 13.11 35.82
C ILE B 187 -2.84 12.36 34.70
N PHE B 188 -2.94 12.98 33.52
CA PHE B 188 -3.53 12.29 32.37
C PHE B 188 -2.67 11.11 31.93
N MET B 189 -1.35 11.29 31.92
CA MET B 189 -0.47 10.19 31.55
C MET B 189 -0.47 9.09 32.61
N ARG B 190 -0.56 9.47 33.89
CA ARG B 190 -0.43 8.48 34.95
C ARG B 190 -1.72 7.69 35.14
N ASP B 191 -2.84 8.38 35.34
CA ASP B 191 -4.08 7.72 35.72
C ASP B 191 -4.97 7.33 34.55
N TYR B 192 -4.60 7.67 33.31
CA TYR B 192 -5.50 7.45 32.19
C TYR B 192 -4.82 6.86 30.97
N LEU B 193 -3.86 7.58 30.39
CA LEU B 193 -3.28 7.16 29.11
C LEU B 193 -2.57 5.81 29.24
N VAL B 194 -1.66 5.70 30.20
CA VAL B 194 -0.88 4.46 30.34
C VAL B 194 -1.75 3.25 30.66
N PRO B 195 -2.64 3.28 31.66
CA PRO B 195 -3.49 2.11 31.90
C PRO B 195 -4.42 1.79 30.74
N THR B 196 -4.87 2.81 30.00
CA THR B 196 -5.73 2.55 28.85
C THR B 196 -4.92 1.97 27.69
N PHE B 197 -3.76 2.56 27.40
CA PHE B 197 -2.92 2.05 26.32
C PHE B 197 -2.43 0.64 26.61
N ASP B 198 -2.15 0.33 27.88
CA ASP B 198 -1.79 -1.03 28.25
C ASP B 198 -2.97 -1.98 28.06
N LYS B 199 -4.17 -1.55 28.47
CA LYS B 199 -5.35 -2.39 28.33
C LYS B 199 -5.71 -2.61 26.87
N GLU B 200 -5.50 -1.61 26.02
CA GLU B 200 -5.83 -1.71 24.60
C GLU B 200 -4.69 -2.25 23.76
N ASN B 201 -3.58 -2.63 24.38
CA ASN B 201 -2.41 -3.16 23.66
C ASN B 201 -1.91 -2.18 22.59
N ILE B 202 -1.82 -0.91 22.96
CA ILE B 202 -1.35 0.13 22.05
C ILE B 202 0.16 0.02 21.92
N THR B 203 0.64 -0.14 20.69
CA THR B 203 2.06 -0.19 20.40
C THR B 203 2.59 1.07 19.76
N ALA B 204 1.74 2.04 19.46
CA ALA B 204 2.20 3.30 18.89
C ALA B 204 2.93 4.11 19.93
N LYS B 205 4.00 4.77 19.50
CA LYS B 205 4.80 5.59 20.41
C LYS B 205 4.12 6.93 20.65
N VAL B 206 4.15 7.38 21.91
CA VAL B 206 3.50 8.63 22.30
C VAL B 206 4.46 9.78 22.05
N VAL B 207 4.06 10.71 21.20
CA VAL B 207 4.77 11.98 21.02
C VAL B 207 4.18 12.93 22.05
N PHE B 208 4.92 13.18 23.12
CA PHE B 208 4.41 13.99 24.22
C PHE B 208 4.04 15.39 23.75
N ALA B 209 3.22 16.06 24.57
CA ALA B 209 2.72 17.40 24.29
C ALA B 209 3.79 18.32 23.73
N GLU B 210 3.68 18.65 22.45
CA GLU B 210 4.72 19.39 21.72
C GLU B 210 4.67 20.85 22.14
N ASN B 211 5.60 21.24 23.01
CA ASN B 211 5.67 22.62 23.48
C ASN B 211 5.98 23.54 22.31
N MET B 212 5.39 24.75 22.35
CA MET B 212 5.67 25.74 21.31
C MET B 212 7.13 26.17 21.35
N SER B 213 7.67 26.36 22.54
CA SER B 213 9.09 26.63 22.71
C SER B 213 9.84 25.31 22.83
N PHE B 214 11.12 25.34 22.44
CA PHE B 214 11.93 24.12 22.40
C PHE B 214 12.56 23.88 23.77
N ASN B 215 11.77 23.26 24.65
CA ASN B 215 12.26 22.83 25.95
C ASN B 215 11.43 21.63 26.41
N GLU B 216 11.92 20.98 27.46
CA GLU B 216 11.28 19.79 28.02
C GLU B 216 10.48 20.09 29.27
N GLN B 217 10.13 21.35 29.51
CA GLN B 217 9.51 21.73 30.78
C GLN B 217 8.17 21.04 30.99
N TYR B 218 7.41 20.84 29.92
CA TYR B 218 6.10 20.19 30.03
C TYR B 218 6.20 18.69 30.26
N ALA B 219 7.36 18.09 30.00
CA ALA B 219 7.52 16.65 30.14
C ALA B 219 8.28 16.23 31.40
N ILE B 220 8.84 17.19 32.15
CA ILE B 220 9.64 16.84 33.32
C ILE B 220 8.82 16.10 34.36
N ASN B 221 7.58 16.55 34.60
CA ASN B 221 6.74 15.90 35.59
C ASN B 221 6.41 14.47 35.19
N SER B 222 6.15 14.24 33.91
CA SER B 222 5.83 12.89 33.44
C SER B 222 7.09 12.02 33.37
N LEU B 223 8.24 12.59 33.02
CA LEU B 223 9.46 11.82 32.97
C LEU B 223 9.90 11.35 34.35
N ASN B 224 9.61 12.14 35.39
CA ASN B 224 9.97 11.78 36.76
C ASN B 224 8.89 10.95 37.46
N ASP B 225 7.75 10.72 36.83
CA ASP B 225 6.73 9.87 37.41
C ASP B 225 7.02 8.42 37.03
N PRO B 226 7.05 7.50 38.00
CA PRO B 226 7.49 6.13 37.68
C PRO B 226 6.56 5.38 36.74
N ILE B 227 5.30 5.79 36.63
CA ILE B 227 4.34 5.12 35.77
C ILE B 227 4.09 5.89 34.48
N ALA B 228 4.08 7.23 34.55
CA ALA B 228 3.90 8.03 33.35
C ALA B 228 5.08 7.91 32.40
N VAL B 229 6.30 7.75 32.94
CA VAL B 229 7.49 7.64 32.11
C VAL B 229 7.46 6.39 31.22
N LYS B 230 6.60 5.42 31.55
CA LYS B 230 6.54 4.20 30.76
C LYS B 230 6.09 4.46 29.33
N ARG B 231 5.34 5.54 29.10
CA ARG B 231 4.86 5.87 27.76
C ARG B 231 5.19 7.31 27.37
N VAL B 232 6.25 7.88 27.92
CA VAL B 232 6.81 9.12 27.40
C VAL B 232 7.88 8.71 26.39
N ASP B 233 7.46 8.06 25.30
CA ASP B 233 8.40 7.52 24.33
C ASP B 233 9.23 8.62 23.68
N ILE B 234 8.59 9.72 23.30
CA ILE B 234 9.24 10.81 22.60
C ILE B 234 8.76 12.13 23.17
N VAL B 235 9.68 13.01 23.53
CA VAL B 235 9.36 14.35 23.99
C VAL B 235 9.39 15.28 22.79
N GLY B 236 8.23 15.78 22.39
CA GLY B 236 8.11 16.66 21.24
C GLY B 236 8.07 18.12 21.64
N ALA B 237 8.51 18.98 20.72
CA ALA B 237 8.54 20.41 20.95
C ALA B 237 8.71 21.14 19.62
N HIS B 238 8.25 22.37 19.58
CA HIS B 238 8.41 23.23 18.42
C HIS B 238 9.51 24.25 18.70
N ASN B 239 9.93 24.94 17.65
CA ASN B 239 11.01 25.92 17.78
C ASN B 239 10.56 27.30 17.32
N TYR B 240 9.45 27.79 17.88
CA TYR B 240 8.93 29.11 17.55
C TYR B 240 9.39 30.09 18.62
N GLY B 241 10.28 31.01 18.25
CA GLY B 241 10.80 31.99 19.19
C GLY B 241 11.80 31.46 20.18
N SER B 242 12.32 30.25 19.99
CA SER B 242 13.28 29.66 20.93
C SER B 242 14.53 29.20 20.20
N SER B 243 15.42 28.50 20.92
CA SER B 243 16.64 27.96 20.34
C SER B 243 16.80 26.52 20.79
N TYR B 244 17.80 25.85 20.24
CA TYR B 244 18.04 24.43 20.51
C TYR B 244 18.91 24.29 21.75
N ILE B 245 18.38 23.63 22.77
CA ILE B 245 19.06 23.42 24.03
C ILE B 245 19.00 21.94 24.38
N PRO B 246 19.89 21.47 25.25
CA PRO B 246 19.82 20.06 25.67
C PRO B 246 18.57 19.79 26.50
N PHE B 247 18.01 18.59 26.30
CA PHE B 247 16.90 18.10 27.12
C PHE B 247 17.50 17.16 28.15
N THR B 248 17.79 17.68 29.34
CA THR B 248 18.54 16.92 30.32
C THR B 248 17.73 15.74 30.85
N THR B 249 16.50 16.00 31.31
CA THR B 249 15.70 14.93 31.90
C THR B 249 15.29 13.90 30.85
N THR B 250 15.03 14.35 29.61
CA THR B 250 14.66 13.41 28.55
C THR B 250 15.81 12.45 28.23
N LYS B 251 17.03 12.98 28.17
CA LYS B 251 18.19 12.11 27.90
C LYS B 251 18.47 11.17 29.07
N SER B 252 18.22 11.61 30.30
CA SER B 252 18.47 10.76 31.46
C SER B 252 17.51 9.58 31.49
N LYS B 253 16.31 9.74 30.96
CA LYS B 253 15.34 8.65 30.90
C LYS B 253 15.46 7.82 29.63
N GLY B 254 16.41 8.13 28.76
CA GLY B 254 16.58 7.37 27.54
C GLY B 254 15.45 7.49 26.55
N LYS B 255 14.81 8.66 26.47
CA LYS B 255 13.68 8.88 25.59
C LYS B 255 14.10 9.65 24.36
N GLY B 256 13.22 9.64 23.35
CA GLY B 256 13.49 10.34 22.11
C GLY B 256 13.08 11.80 22.14
N ILE B 257 13.65 12.57 21.21
CA ILE B 257 13.38 14.00 21.09
C ILE B 257 13.02 14.28 19.65
N TRP B 258 11.84 14.86 19.43
CA TRP B 258 11.35 15.19 18.09
C TRP B 258 10.99 16.66 18.04
N MET B 259 11.54 17.38 17.07
CA MET B 259 11.15 18.76 16.78
C MET B 259 10.09 18.68 15.70
N THR B 260 8.82 18.75 16.09
CA THR B 260 7.71 18.36 15.24
C THR B 260 7.16 19.51 14.39
N GLU B 261 7.58 20.75 14.61
CA GLU B 261 7.08 21.85 13.78
C GLU B 261 7.92 23.12 13.91
N VAL B 262 8.24 23.73 12.77
CA VAL B 262 8.85 25.06 12.75
C VAL B 262 8.65 25.64 11.36
N SER B 263 8.57 26.96 11.28
CA SER B 263 8.37 27.65 10.01
C SER B 263 8.59 29.14 10.24
N ASP B 264 8.55 29.90 9.14
CA ASP B 264 8.69 31.36 9.17
C ASP B 264 7.30 31.94 8.99
N MET B 265 6.68 32.37 10.08
CA MET B 265 5.36 32.97 10.04
C MET B 265 5.40 34.48 9.96
N ASN B 266 6.57 35.11 10.07
CA ASN B 266 6.70 36.55 10.06
C ASN B 266 7.31 37.12 8.79
N GLY B 267 8.00 36.29 7.99
CA GLY B 267 8.61 36.75 6.76
C GLY B 267 8.27 35.83 5.60
N ASN B 268 8.76 36.22 4.42
CA ASN B 268 8.53 35.47 3.17
C ASN B 268 9.84 35.48 2.37
N ASP B 269 10.77 34.60 2.77
CA ASP B 269 12.05 34.45 2.09
C ASP B 269 12.13 33.03 1.55
N THR B 270 12.27 32.92 0.23
CA THR B 270 12.38 31.63 -0.44
C THR B 270 13.74 31.41 -1.08
N THR B 271 14.73 32.24 -0.74
CA THR B 271 16.05 32.15 -1.35
C THR B 271 16.94 31.21 -0.54
N ILE B 272 18.23 31.17 -0.88
CA ILE B 272 19.17 30.31 -0.16
C ILE B 272 19.41 30.80 1.26
N ASN B 273 19.19 32.09 1.52
CA ASN B 273 19.38 32.63 2.86
C ASN B 273 18.44 31.97 3.86
N ASP B 274 17.15 31.89 3.51
CA ASP B 274 16.20 31.19 4.38
C ASP B 274 16.45 29.70 4.40
N GLY B 275 16.88 29.12 3.27
CA GLY B 275 17.15 27.70 3.24
C GLY B 275 18.28 27.29 4.17
N LEU B 276 19.32 28.12 4.25
CA LEU B 276 20.42 27.82 5.17
C LEU B 276 20.06 28.09 6.62
N ARG B 277 19.04 28.92 6.87
CA ARG B 277 18.59 29.12 8.24
C ARG B 277 18.02 27.83 8.82
N TRP B 278 17.27 27.08 8.01
CA TRP B 278 16.69 25.83 8.47
C TRP B 278 17.70 24.69 8.45
N ALA B 279 18.68 24.74 7.55
CA ALA B 279 19.76 23.76 7.59
C ALA B 279 20.62 23.96 8.84
N LYS B 280 20.85 25.22 9.23
CA LYS B 280 21.57 25.49 10.48
C LYS B 280 20.76 25.06 11.69
N GLU B 281 19.43 25.17 11.62
CA GLU B 281 18.59 24.69 12.72
C GLU B 281 18.69 23.18 12.88
N ILE B 282 18.75 22.46 11.77
CA ILE B 282 18.96 21.01 11.84
C ILE B 282 20.33 20.70 12.42
N HIS B 283 21.34 21.49 12.06
CA HIS B 283 22.68 21.28 12.58
C HIS B 283 22.71 21.46 14.10
N ASP B 284 22.09 22.53 14.60
CA ASP B 284 22.03 22.73 16.04
C ASP B 284 21.15 21.68 16.71
N PHE B 285 20.12 21.19 16.02
CA PHE B 285 19.26 20.15 16.59
C PHE B 285 19.99 18.82 16.71
N MET B 286 20.94 18.56 15.82
CA MET B 286 21.69 17.31 15.84
C MET B 286 22.88 17.34 16.78
N THR B 287 23.48 18.50 16.99
CA THR B 287 24.70 18.62 17.80
C THR B 287 24.44 19.06 19.23
N ILE B 288 23.55 20.04 19.45
CA ILE B 288 23.25 20.53 20.79
C ILE B 288 22.26 19.59 21.46
N THR B 289 21.03 19.56 20.94
CA THR B 289 20.00 18.71 21.54
C THR B 289 20.25 17.24 21.27
N GLU B 290 20.92 16.91 20.17
CA GLU B 290 21.12 15.53 19.73
C GLU B 290 19.80 14.79 19.58
N GLY B 291 18.82 15.48 18.99
CA GLY B 291 17.50 14.92 18.81
C GLY B 291 17.47 13.84 17.74
N ASN B 292 16.27 13.28 17.55
CA ASN B 292 16.09 12.12 16.69
C ASN B 292 15.31 12.41 15.41
N ALA B 293 14.38 13.36 15.43
CA ALA B 293 13.60 13.69 14.24
C ALA B 293 13.35 15.18 14.18
N TRP B 294 13.36 15.72 12.97
CA TRP B 294 13.20 17.15 12.74
C TRP B 294 12.12 17.34 11.68
N PHE B 295 11.17 18.23 11.94
CA PHE B 295 10.04 18.46 11.06
C PHE B 295 9.96 19.92 10.67
N TYR B 296 9.48 20.17 9.46
CA TYR B 296 8.98 21.48 9.09
C TYR B 296 7.46 21.50 9.24
N TRP B 297 6.88 22.69 9.14
CA TRP B 297 5.44 22.81 9.32
C TRP B 297 4.69 22.17 8.16
N TRP B 298 4.39 22.94 7.12
CA TRP B 298 3.69 22.42 5.96
C TRP B 298 4.70 22.04 4.87
N GLY B 299 4.41 20.96 4.17
CA GLY B 299 5.20 20.59 3.01
C GLY B 299 4.82 21.44 1.82
N ALA B 300 3.51 21.55 1.58
CA ALA B 300 2.95 22.41 0.56
C ALA B 300 1.68 23.03 1.11
N CYS B 301 1.58 24.36 1.03
CA CYS B 301 0.44 25.07 1.56
C CYS B 301 -0.03 26.12 0.56
N PHE B 302 -1.22 26.66 0.81
CA PHE B 302 -1.81 27.68 -0.06
C PHE B 302 -1.37 29.09 0.30
N LYS B 303 -0.49 29.25 1.29
CA LYS B 303 -0.02 30.57 1.70
C LYS B 303 1.21 30.92 0.88
N THR B 304 1.06 31.89 -0.02
CA THR B 304 2.15 32.39 -0.83
C THR B 304 2.78 33.66 -0.26
N TYR B 305 2.45 34.02 0.99
CA TYR B 305 2.91 35.26 1.58
C TYR B 305 3.82 35.06 2.78
N ASN B 306 4.05 33.83 3.23
CA ASN B 306 4.97 33.57 4.33
C ASN B 306 5.68 32.24 4.09
N GLY B 307 6.50 31.84 5.06
CA GLY B 307 7.26 30.62 4.94
C GLY B 307 6.72 29.48 5.79
N GLU B 308 5.41 29.37 5.90
CA GLU B 308 4.80 28.27 6.65
C GLU B 308 4.89 26.94 5.91
N GLY B 309 5.26 26.95 4.64
CA GLY B 309 5.35 25.73 3.87
C GLY B 309 6.58 25.73 2.99
N LEU B 310 7.07 24.52 2.69
CA LEU B 310 8.21 24.39 1.79
C LEU B 310 7.82 24.71 0.35
N ILE B 311 6.57 24.46 -0.03
CA ILE B 311 6.06 24.72 -1.37
C ILE B 311 4.85 25.64 -1.23
N GLN B 312 4.89 26.77 -1.95
CA GLN B 312 3.80 27.74 -1.93
C GLN B 312 2.90 27.50 -3.12
N MET B 313 1.64 27.14 -2.86
CA MET B 313 0.68 26.83 -3.90
C MET B 313 -0.29 28.00 -4.07
N ASP B 314 -0.50 28.41 -5.32
CA ASP B 314 -1.47 29.46 -5.65
C ASP B 314 -2.75 28.77 -6.12
N LEU B 315 -3.78 28.81 -5.28
CA LEU B 315 -5.02 28.12 -5.60
C LEU B 315 -5.80 28.78 -6.72
N ASN B 316 -5.59 30.09 -6.95
CA ASN B 316 -6.31 30.77 -8.02
C ASN B 316 -5.76 30.41 -9.39
N SER B 317 -4.43 30.43 -9.55
CA SER B 317 -3.81 30.08 -10.82
C SER B 317 -3.46 28.60 -10.92
N LYS B 318 -3.60 27.85 -9.84
CA LYS B 318 -3.29 26.42 -9.81
C LYS B 318 -1.84 26.14 -10.19
N THR B 319 -0.93 26.93 -9.60
CA THR B 319 0.51 26.77 -9.78
C THR B 319 1.17 26.70 -8.41
N TYR B 320 2.44 26.31 -8.39
CA TYR B 320 3.19 26.24 -7.16
C TYR B 320 4.61 26.74 -7.37
N LYS B 321 5.28 27.06 -6.26
CA LYS B 321 6.63 27.57 -6.27
C LYS B 321 7.40 26.92 -5.14
N VAL B 322 8.51 26.25 -5.46
CA VAL B 322 9.30 25.53 -4.48
C VAL B 322 10.36 26.46 -3.90
N ALA B 323 10.39 26.58 -2.58
CA ALA B 323 11.40 27.39 -1.92
C ALA B 323 12.71 26.62 -1.80
N LYS B 324 13.79 27.38 -1.61
CA LYS B 324 15.11 26.76 -1.47
C LYS B 324 15.22 25.93 -0.20
N ARG B 325 14.38 26.19 0.80
CA ARG B 325 14.45 25.44 2.04
C ARG B 325 14.05 23.97 1.87
N LEU B 326 13.30 23.65 0.82
CA LEU B 326 12.97 22.25 0.56
C LEU B 326 14.21 21.45 0.19
N TYR B 327 15.13 22.06 -0.56
CA TYR B 327 16.34 21.36 -0.98
C TYR B 327 17.42 21.39 0.10
N THR B 328 17.52 22.49 0.85
CA THR B 328 18.49 22.55 1.93
C THR B 328 18.15 21.56 3.04
N ILE B 329 16.86 21.45 3.39
CA ILE B 329 16.44 20.40 4.30
C ILE B 329 16.62 19.03 3.66
N GLY B 330 16.40 18.95 2.34
CA GLY B 330 16.62 17.71 1.64
C GLY B 330 18.05 17.22 1.65
N GLN B 331 19.01 18.12 1.89
CA GLN B 331 20.40 17.71 2.04
C GLN B 331 20.57 16.78 3.23
N PHE B 332 19.69 16.89 4.22
CA PHE B 332 19.62 15.97 5.36
C PHE B 332 18.61 14.85 5.13
N SER B 333 17.39 15.18 4.69
CA SER B 333 16.30 14.22 4.74
C SER B 333 16.40 13.15 3.67
N ARG B 334 16.92 13.49 2.49
CA ARG B 334 16.95 12.52 1.41
C ARG B 334 17.89 11.36 1.70
N PHE B 335 19.02 11.64 2.37
CA PHE B 335 20.05 10.64 2.57
C PHE B 335 20.02 10.00 3.95
N ILE B 336 19.66 10.75 4.99
CA ILE B 336 19.62 10.22 6.35
C ILE B 336 18.26 9.56 6.53
N ARG B 337 18.22 8.25 6.33
CA ARG B 337 16.99 7.48 6.43
C ARG B 337 16.74 7.04 7.86
N PRO B 338 15.51 6.65 8.19
CA PRO B 338 15.25 6.11 9.54
C PRO B 338 16.13 4.91 9.83
N GLY B 339 16.67 4.87 11.04
CA GLY B 339 17.62 3.86 11.44
C GLY B 339 19.07 4.28 11.34
N TRP B 340 19.35 5.39 10.67
CA TRP B 340 20.72 5.88 10.58
C TRP B 340 21.19 6.39 11.94
N GLN B 341 22.49 6.69 12.02
CA GLN B 341 23.13 7.03 13.29
C GLN B 341 24.13 8.15 13.05
N ARG B 342 24.04 9.20 13.87
CA ARG B 342 24.96 10.31 13.78
C ARG B 342 26.31 9.91 14.38
N ILE B 343 27.39 10.22 13.66
CA ILE B 343 28.73 9.90 14.10
C ILE B 343 29.52 11.19 14.29
N GLU B 344 30.74 11.04 14.80
CA GLU B 344 31.56 12.20 15.15
C GLU B 344 32.10 12.88 13.90
N ALA B 345 32.06 14.21 13.91
CA ALA B 345 32.64 15.01 12.84
C ALA B 345 32.93 16.39 13.41
N THR B 346 34.03 17.00 12.94
CA THR B 346 34.37 18.35 13.37
C THR B 346 33.24 19.31 13.04
N LYS B 347 32.49 19.74 14.07
CA LYS B 347 31.25 20.47 13.85
C LYS B 347 31.47 21.88 13.34
N ASN B 348 32.57 22.54 13.69
CA ASN B 348 32.84 23.91 13.29
C ASN B 348 34.31 24.04 12.92
N PRO B 349 34.70 23.58 11.74
CA PRO B 349 36.12 23.63 11.37
C PRO B 349 36.64 25.03 11.13
N VAL B 350 35.81 25.90 10.53
CA VAL B 350 36.19 27.28 10.22
C VAL B 350 34.93 28.13 10.35
N SER B 351 35.12 29.45 10.32
CA SER B 351 34.01 30.39 10.52
C SER B 351 32.92 30.16 9.49
N ASN B 352 31.67 30.11 9.97
CA ASN B 352 30.48 29.98 9.15
C ASN B 352 30.38 28.64 8.41
N VAL B 353 31.11 27.63 8.87
CA VAL B 353 31.04 26.29 8.29
C VAL B 353 30.67 25.30 9.39
N TYR B 354 29.62 24.53 9.17
CA TYR B 354 29.08 23.61 10.16
C TYR B 354 28.85 22.25 9.52
N VAL B 355 29.40 21.21 10.14
CA VAL B 355 29.46 19.87 9.56
C VAL B 355 28.89 18.85 10.52
N THR B 356 28.10 17.91 10.00
CA THR B 356 27.66 16.73 10.72
C THR B 356 27.86 15.51 9.85
N ALA B 357 27.93 14.34 10.49
CA ALA B 357 28.18 13.10 9.79
C ALA B 357 27.25 12.02 10.32
N TYR B 358 26.79 11.15 9.41
CA TYR B 358 25.84 10.10 9.75
C TYR B 358 26.21 8.85 8.97
N LYS B 359 25.70 7.70 9.44
CA LYS B 359 25.97 6.44 8.78
C LYS B 359 24.81 5.48 9.03
N ASP B 360 24.73 4.46 8.17
CA ASP B 360 23.73 3.40 8.32
C ASP B 360 24.42 2.17 8.87
N PRO B 361 24.14 1.77 10.11
CA PRO B 361 24.82 0.60 10.68
C PRO B 361 24.51 -0.71 9.96
N LYS B 362 23.45 -0.76 9.15
CA LYS B 362 23.08 -2.01 8.51
C LYS B 362 23.84 -2.22 7.21
N THR B 363 23.96 -1.16 6.39
CA THR B 363 24.51 -1.27 5.05
C THR B 363 25.91 -0.70 4.90
N GLY B 364 26.35 0.17 5.81
CA GLY B 364 27.64 0.81 5.70
C GLY B 364 27.65 2.12 4.96
N LYS B 365 26.50 2.57 4.46
CA LYS B 365 26.41 3.87 3.82
C LYS B 365 26.65 4.98 4.84
N PHE B 366 27.03 6.15 4.33
CA PHE B 366 27.27 7.30 5.19
C PHE B 366 26.94 8.58 4.43
N ALA B 367 26.87 9.67 5.18
CA ALA B 367 26.56 10.97 4.61
C ALA B 367 27.20 12.05 5.48
N ILE B 368 27.85 13.01 4.83
CA ILE B 368 28.51 14.12 5.52
C ILE B 368 27.90 15.40 4.98
N VAL B 369 27.18 16.12 5.84
CA VAL B 369 26.51 17.36 5.46
C VAL B 369 27.34 18.53 5.96
N ALA B 370 27.76 19.40 5.04
CA ALA B 370 28.55 20.58 5.36
C ALA B 370 27.81 21.82 4.93
N ILE B 371 27.63 22.76 5.85
CA ILE B 371 26.92 24.01 5.59
C ILE B 371 27.93 25.14 5.60
N ASN B 372 27.76 26.09 4.68
CA ASN B 372 28.59 27.30 4.62
C ASN B 372 27.65 28.48 4.44
N ASN B 373 27.23 29.08 5.56
CA ASN B 373 26.33 30.23 5.54
C ASN B 373 27.08 31.56 5.52
N GLY B 374 28.36 31.55 5.16
CA GLY B 374 29.14 32.76 5.05
C GLY B 374 29.27 33.22 3.60
N TRP B 375 30.00 34.32 3.44
CA TRP B 375 30.20 34.93 2.13
C TRP B 375 31.58 34.64 1.54
N SER B 376 32.38 33.81 2.19
CA SER B 376 33.69 33.42 1.69
C SER B 376 33.70 31.93 1.39
N LYS B 377 34.29 31.56 0.25
CA LYS B 377 34.45 30.15 -0.08
C LYS B 377 35.52 29.54 0.81
N GLN B 378 35.29 28.30 1.23
CA GLN B 378 36.17 27.63 2.19
C GLN B 378 36.55 26.26 1.65
N SER B 379 37.85 26.04 1.46
CA SER B 379 38.35 24.71 1.14
C SER B 379 38.39 23.88 2.40
N ILE B 380 37.77 22.70 2.36
CA ILE B 380 37.69 21.82 3.51
C ILE B 380 38.23 20.45 3.10
N THR B 381 39.12 19.90 3.92
CA THR B 381 39.70 18.58 3.70
C THR B 381 39.14 17.63 4.75
N TYR B 382 38.40 16.63 4.31
CA TYR B 382 37.75 15.68 5.20
C TYR B 382 38.65 14.46 5.38
N THR B 383 38.98 14.15 6.63
CA THR B 383 39.77 12.97 6.97
C THR B 383 38.83 11.93 7.57
N LEU B 384 38.71 10.79 6.90
CA LEU B 384 37.78 9.74 7.32
C LEU B 384 38.53 8.76 8.23
N LYS B 385 38.17 8.77 9.51
CA LYS B 385 38.85 7.97 10.52
C LYS B 385 38.00 6.74 10.84
N GLY B 386 38.57 5.56 10.59
CA GLY B 386 37.90 4.31 10.87
C GLY B 386 37.23 3.66 9.69
N PHE B 387 37.15 4.33 8.55
CA PHE B 387 36.51 3.77 7.37
C PHE B 387 37.22 4.28 6.12
N SER B 388 37.14 3.51 5.05
CA SER B 388 37.93 3.75 3.84
C SER B 388 37.07 3.51 2.60
N PRO B 389 36.26 4.49 2.21
CA PRO B 389 35.54 4.40 0.94
C PRO B 389 36.42 4.85 -0.21
N ALA B 390 36.09 4.36 -1.41
CA ALA B 390 36.87 4.71 -2.59
C ALA B 390 36.51 6.08 -3.13
N SER B 391 35.26 6.51 -2.97
CA SER B 391 34.83 7.80 -3.50
C SER B 391 33.58 8.24 -2.77
N VAL B 392 33.26 9.53 -2.91
CA VAL B 392 32.04 10.11 -2.38
C VAL B 392 31.37 10.94 -3.48
N THR B 393 30.06 11.10 -3.36
CA THR B 393 29.29 11.85 -4.35
C THR B 393 28.71 13.09 -3.71
N PRO B 394 29.00 14.29 -4.23
CA PRO B 394 28.48 15.51 -3.61
C PRO B 394 27.14 15.95 -4.20
N TYR B 395 26.28 16.44 -3.31
CA TYR B 395 25.02 17.06 -3.67
C TYR B 395 25.02 18.47 -3.09
N THR B 396 24.82 19.47 -3.94
CA THR B 396 24.97 20.87 -3.54
C THR B 396 23.69 21.63 -3.82
N THR B 397 23.27 22.45 -2.85
CA THR B 397 22.16 23.38 -3.00
C THR B 397 22.68 24.78 -2.70
N SER B 398 22.47 25.70 -3.64
CA SER B 398 22.94 27.07 -3.48
C SER B 398 21.93 28.00 -4.15
N SER B 399 22.37 29.21 -4.49
CA SER B 399 21.50 30.15 -5.18
C SER B 399 21.17 29.71 -6.60
N THR B 400 21.98 28.81 -7.17
CA THR B 400 21.77 28.34 -8.53
C THR B 400 21.63 26.81 -8.61
N GLN B 401 21.61 26.12 -7.47
CA GLN B 401 21.58 24.67 -7.44
C GLN B 401 20.50 24.20 -6.47
N ASN B 402 19.86 23.07 -6.83
CA ASN B 402 18.81 22.45 -6.03
C ASN B 402 19.13 20.97 -5.91
N LEU B 403 19.87 20.59 -4.88
CA LEU B 403 20.27 19.19 -4.65
C LEU B 403 20.97 18.62 -5.88
N GLU B 404 21.78 19.44 -6.53
CA GLU B 404 22.41 19.06 -7.78
C GLU B 404 23.56 18.09 -7.53
N LYS B 405 23.53 16.95 -8.22
CA LYS B 405 24.57 15.95 -8.09
C LYS B 405 25.83 16.41 -8.81
N GLY B 406 26.96 16.30 -8.13
CA GLY B 406 28.24 16.66 -8.71
C GLY B 406 29.06 15.44 -9.10
N SER B 407 30.19 15.70 -9.73
CA SER B 407 31.10 14.63 -10.11
C SER B 407 31.67 13.96 -8.87
N ASP B 408 31.85 12.64 -8.94
CA ASP B 408 32.36 11.89 -7.81
C ASP B 408 33.76 12.37 -7.42
N ILE B 409 34.03 12.37 -6.14
CA ILE B 409 35.30 12.85 -5.58
C ILE B 409 36.10 11.64 -5.13
N THR B 410 37.31 11.49 -5.67
CA THR B 410 38.15 10.37 -5.30
C THR B 410 38.71 10.57 -3.89
N VAL B 411 38.57 9.54 -3.06
CA VAL B 411 39.07 9.56 -1.69
C VAL B 411 40.44 8.89 -1.68
N ASN B 412 41.49 9.66 -1.46
CA ASN B 412 42.85 9.16 -1.47
C ASN B 412 43.33 9.03 -0.02
N ASN B 413 43.55 7.78 0.40
CA ASN B 413 44.02 7.47 1.75
C ASN B 413 43.07 8.03 2.82
N SER B 414 41.78 7.74 2.64
CA SER B 414 40.74 8.16 3.59
C SER B 414 40.68 9.67 3.76
N SER B 415 40.96 10.42 2.68
N SER B 415 40.95 10.42 2.68
CA SER B 415 40.94 11.88 2.74
CA SER B 415 40.95 11.88 2.73
C SER B 415 40.56 12.42 1.37
C SER B 415 40.56 12.42 1.36
N PHE B 416 39.73 13.46 1.38
CA PHE B 416 39.33 14.14 0.15
C PHE B 416 39.03 15.60 0.48
N SER B 417 39.18 16.45 -0.52
CA SER B 417 39.00 17.89 -0.35
C SER B 417 37.88 18.39 -1.26
N PHE B 418 37.25 19.49 -0.84
CA PHE B 418 36.16 20.10 -1.60
C PHE B 418 35.95 21.51 -1.07
N GLU B 419 35.82 22.46 -1.98
CA GLU B 419 35.61 23.86 -1.61
C GLU B 419 34.12 24.14 -1.50
N LEU B 420 33.69 24.63 -0.34
CA LEU B 420 32.30 25.00 -0.13
C LEU B 420 32.06 26.41 -0.66
N ALA B 421 31.16 26.54 -1.62
CA ALA B 421 30.83 27.85 -2.15
C ALA B 421 30.13 28.67 -1.08
N PRO B 422 30.27 30.00 -1.11
CA PRO B 422 29.60 30.84 -0.12
C PRO B 422 28.09 30.74 -0.26
N ASN B 423 27.42 30.65 0.89
CA ASN B 423 25.96 30.52 0.95
C ASN B 423 25.48 29.26 0.22
N SER B 424 26.01 28.12 0.66
CA SER B 424 25.68 26.84 0.04
C SER B 424 25.75 25.74 1.09
N ILE B 425 25.29 24.55 0.70
CA ILE B 425 25.32 23.37 1.55
C ILE B 425 25.57 22.16 0.67
N THR B 426 26.52 21.32 1.06
CA THR B 426 26.92 20.16 0.27
C THR B 426 26.90 18.91 1.13
N THR B 427 26.32 17.84 0.62
CA THR B 427 26.27 16.55 1.30
C THR B 427 27.08 15.54 0.50
N PHE B 428 28.05 14.92 1.14
CA PHE B 428 28.89 13.90 0.52
C PHE B 428 28.39 12.53 0.94
N VAL B 429 27.97 11.72 -0.04
CA VAL B 429 27.38 10.41 0.21
C VAL B 429 28.30 9.34 -0.36
N GLY B 430 28.48 8.27 0.42
CA GLY B 430 29.30 7.15 -0.01
C GLY B 430 28.86 5.88 0.68
N ASP B 431 29.54 4.79 0.35
CA ASP B 431 29.25 3.49 0.93
C ASP B 431 30.56 2.74 1.16
N THR B 432 30.69 2.14 2.33
CA THR B 432 31.88 1.39 2.69
C THR B 432 31.82 -0.07 2.29
N GLU B 433 30.64 -0.58 1.94
CA GLU B 433 30.47 -1.97 1.53
C GLU B 433 30.09 -2.04 0.06
N SER B 434 30.58 -3.06 -0.63
CA SER B 434 30.28 -3.24 -2.04
C SER B 434 30.22 -4.72 -2.41
#